data_7SEM
#
_entry.id   7SEM
#
_cell.length_a   68.169
_cell.length_b   45.560
_cell.length_c   176.270
_cell.angle_alpha   90.000
_cell.angle_beta   94.210
_cell.angle_gamma   90.000
#
_symmetry.space_group_name_H-M   'P 1 2 1'
#
loop_
_entity.id
_entity.type
_entity.pdbx_description
1 polymer 'MPE8 Fab heavy chain'
2 polymer 'Fusion glycoprotein F0'
3 polymer 'MPE8 Fab light chain'
4 non-polymer 2-acetamido-2-deoxy-beta-D-glucopyranose
5 water water
#
loop_
_entity_poly.entity_id
_entity_poly.type
_entity_poly.pdbx_seq_one_letter_code
_entity_poly.pdbx_strand_id
1 'polypeptide(L)'
;EVQLVESGGGLVKPGGSLRLSCAASGFTFSSYSMNWVRQAPGKGLEWVSSISASSSYSDYADSAKGRFTISRDNAKTSLF
LQMNSLRAEDTAIYFCARARATGYSSITPYFDIWGQGTLVTVSSASTKGPSVFPLAPSSKSTSGGTAALGCLVKDYFPEP
VTVSWNSGALTSGVHTFPAVLQSSGLYSLSSVVTVPSSSLGTQTYICNVNHKPSNTKVDKKVEPKSCD
;
B
2 'polypeptide(L)'
;MSWKVVIIFSLLITPQHGLKESYLEESCSTITEGYLSVLRTGWYTNVFTLEVGDVENLTCADGPSLIKTELDLTKSALRE
LRTVSADQLAREEQIENPRRRRFVLGAIALGVATAAAVTAGVAIAKCIRLESEVTAIKNALKKTNEAVSTLGCGVRVLAT
AVRELKDFVSKNLTRAINKNKCDIPDLKMAVSFSQFNRRFLNVVRQFSDNAGITPAISLDLMTDAELARAVSNMPTSAGQ
IKLMLENRAMVRRKGFGILIGVYGSSVIYMVQLPIFGVIDTPCWIVKAAPSCSEKKGNYACLLREDQGWYCQNAGSTVYY
PNEKDCETRGDHVFCDTAAGINVAEQSKECNINISTTNYPCKVSCGRNPISMVALSPLGALVACYKGVSCSIGSNRVGII
KQLNKGCSYITNQDADTVTIDNTVYQLSKVEGEQHVIKGRPVSSSFDPVKFPEDQFNVALDQCFESIENSQALVDQSNRI
LSSAEKGNTGGGGSGYIPEAPRDGQAYVRKDGEWVLLSTFLGRSLEVLFQGPGHHHHHHHHSAWSHPQFEK
;
F
3 'polypeptide(L)'
;QSVVTQPPSVSGAPGQRVTISCTGSSSNIGAGYDVHWYQQLPGTAPKLLIYDNNNRPSGVPDRFSASKSGTSASLAITGL
QAEDEADYYCQSYDRSLSGVFGTGTKVTVLGQPKAAPSVTLFPPSSEELQANKATLVCLISDFYPGAVTVAWKADSSPVK
AGVETTTPSKQSNNKYAASSYLSLTPEQWKSHKSYSCQVTHEGSTVEKTVAPTECS
;
C
#
loop_
_chem_comp.id
_chem_comp.type
_chem_comp.name
_chem_comp.formula
NAG D-saccharide, beta linking 2-acetamido-2-deoxy-beta-D-glucopyranose 'C8 H15 N O6'
#
# COMPACT_ATOMS: atom_id res chain seq x y z
N GLU A 1 -6.86 3.75 -21.37
CA GLU A 1 -5.68 3.04 -20.92
C GLU A 1 -5.16 3.61 -19.61
N VAL A 2 -4.79 2.73 -18.69
CA VAL A 2 -4.26 3.16 -17.40
C VAL A 2 -2.94 3.89 -17.63
N GLN A 3 -2.91 5.18 -17.29
CA GLN A 3 -1.72 5.96 -17.58
C GLN A 3 -1.54 7.05 -16.53
N LEU A 4 -0.29 7.29 -16.18
CA LEU A 4 0.10 8.41 -15.33
C LEU A 4 1.13 9.24 -16.06
N VAL A 5 0.94 10.56 -16.09
CA VAL A 5 1.81 11.47 -16.84
C VAL A 5 2.22 12.60 -15.90
N GLU A 6 3.49 12.62 -15.51
CA GLU A 6 4.02 13.66 -14.64
C GLU A 6 4.38 14.90 -15.45
N SER A 7 4.38 16.04 -14.78
CA SER A 7 4.72 17.34 -15.44
C SER A 7 5.22 18.33 -14.38
N GLY A 8 5.89 19.40 -14.79
CA GLY A 8 6.31 20.44 -13.82
C GLY A 8 7.76 20.34 -13.45
N GLY A 9 8.49 19.41 -14.05
CA GLY A 9 9.93 19.27 -13.77
C GLY A 9 10.75 20.30 -14.51
N GLY A 10 11.83 20.77 -13.88
CA GLY A 10 12.73 21.73 -14.55
C GLY A 10 13.88 22.13 -13.65
N LEU A 11 14.65 23.15 -14.08
CA LEU A 11 15.83 23.59 -13.29
C LEU A 11 15.39 24.52 -12.17
N VAL A 12 16.11 24.50 -11.05
CA VAL A 12 15.75 25.34 -9.88
C VAL A 12 17.01 25.53 -9.04
N LYS A 13 17.12 26.68 -8.37
CA LYS A 13 18.34 26.98 -7.60
C LYS A 13 18.13 26.53 -6.15
N PRO A 14 19.17 26.10 -5.41
CA PRO A 14 19.01 25.74 -4.01
C PRO A 14 18.19 26.79 -3.25
N GLY A 15 17.13 26.36 -2.57
CA GLY A 15 16.25 27.27 -1.83
C GLY A 15 15.03 27.62 -2.64
N GLY A 16 14.98 27.15 -3.89
CA GLY A 16 13.85 27.47 -4.77
C GLY A 16 12.66 26.57 -4.55
N SER A 17 11.65 26.66 -5.43
CA SER A 17 10.42 25.90 -5.23
C SER A 17 9.90 25.41 -6.58
N LEU A 18 9.32 24.20 -6.59
CA LEU A 18 8.66 23.67 -7.80
C LEU A 18 7.39 22.93 -7.39
N ARG A 19 6.43 22.82 -8.31
CA ARG A 19 5.20 22.05 -8.02
C ARG A 19 5.05 21.02 -9.14
N LEU A 20 5.05 19.74 -8.77
CA LEU A 20 4.92 18.66 -9.78
C LEU A 20 3.45 18.29 -9.92
N SER A 21 3.06 17.87 -11.11
CA SER A 21 1.66 17.49 -11.35
C SER A 21 1.62 16.15 -12.08
N CYS A 22 0.71 15.27 -11.68
CA CYS A 22 0.56 13.99 -12.35
C CYS A 22 -0.88 13.94 -12.87
N ALA A 23 -1.02 13.78 -14.18
CA ALA A 23 -2.33 13.61 -14.81
C ALA A 23 -2.62 12.12 -14.90
N ALA A 24 -3.64 11.67 -14.18
CA ALA A 24 -4.06 10.28 -14.21
C ALA A 24 -5.22 10.11 -15.17
N SER A 25 -5.21 9.00 -15.90
CA SER A 25 -6.31 8.68 -16.79
C SER A 25 -6.45 7.17 -16.85
N GLY A 26 -7.62 6.72 -17.32
CA GLY A 26 -7.86 5.31 -17.57
C GLY A 26 -8.32 4.49 -16.39
N PHE A 27 -8.47 5.09 -15.21
CA PHE A 27 -8.90 4.34 -14.03
C PHE A 27 -9.63 5.26 -13.07
N THR A 28 -10.32 4.64 -12.13
CA THR A 28 -11.05 5.38 -11.09
C THR A 28 -10.03 5.95 -10.11
N PHE A 29 -9.67 7.21 -10.32
CA PHE A 29 -8.59 7.82 -9.54
C PHE A 29 -8.92 7.88 -8.06
N SER A 30 -10.18 8.18 -7.72
CA SER A 30 -10.56 8.39 -6.32
C SER A 30 -10.60 7.10 -5.50
N SER A 31 -10.34 5.94 -6.11
CA SER A 31 -10.30 4.69 -5.37
C SER A 31 -8.92 4.36 -4.83
N TYR A 32 -7.88 5.12 -5.19
CA TYR A 32 -6.53 4.63 -4.94
C TYR A 32 -5.69 5.61 -4.14
N SER A 33 -4.89 5.05 -3.25
CA SER A 33 -3.78 5.78 -2.66
C SER A 33 -2.73 6.06 -3.74
N MET A 34 -2.08 7.23 -3.66
CA MET A 34 -1.11 7.65 -4.67
C MET A 34 0.19 8.05 -4.00
N ASN A 35 1.29 7.91 -4.75
CA ASN A 35 2.62 8.09 -4.18
C ASN A 35 3.54 8.83 -5.13
N TRP A 36 4.57 9.44 -4.56
CA TRP A 36 5.70 9.98 -5.29
C TRP A 36 6.94 9.21 -4.89
N VAL A 37 7.69 8.73 -5.89
CA VAL A 37 8.97 8.05 -5.71
C VAL A 37 9.98 8.79 -6.57
N ARG A 38 11.21 8.93 -6.07
CA ARG A 38 12.21 9.64 -6.84
C ARG A 38 13.47 8.79 -6.98
N GLN A 39 14.29 9.14 -7.97
CA GLN A 39 15.48 8.37 -8.28
C GLN A 39 16.55 9.34 -8.75
N ALA A 40 17.55 9.56 -7.92
CA ALA A 40 18.67 10.40 -8.29
C ALA A 40 19.45 9.75 -9.43
N PRO A 41 20.13 10.56 -10.25
CA PRO A 41 20.91 10.01 -11.38
C PRO A 41 21.87 8.90 -10.98
N GLY A 42 21.71 7.73 -11.59
CA GLY A 42 22.55 6.59 -11.30
C GLY A 42 22.36 5.97 -9.93
N LYS A 43 21.31 6.35 -9.19
CA LYS A 43 21.10 5.88 -7.82
C LYS A 43 19.85 4.98 -7.76
N GLY A 44 19.38 4.70 -6.54
CA GLY A 44 18.29 3.76 -6.34
C GLY A 44 16.95 4.46 -6.15
N LEU A 45 15.89 3.64 -6.08
CA LEU A 45 14.56 4.21 -5.85
C LEU A 45 14.42 4.67 -4.40
N GLU A 46 13.67 5.76 -4.21
CA GLU A 46 13.46 6.33 -2.88
C GLU A 46 12.04 6.86 -2.77
N TRP A 47 11.27 6.28 -1.85
CA TRP A 47 9.91 6.74 -1.61
C TRP A 47 9.93 8.13 -0.98
N VAL A 48 9.03 8.99 -1.45
CA VAL A 48 9.01 10.40 -1.05
C VAL A 48 7.77 10.72 -0.21
N SER A 49 6.58 10.38 -0.71
CA SER A 49 5.34 10.78 -0.05
C SER A 49 4.18 9.96 -0.59
N SER A 50 3.13 9.86 0.23
CA SER A 50 1.89 9.19 -0.15
C SER A 50 0.70 10.02 0.30
N ILE A 51 -0.43 9.83 -0.38
CA ILE A 51 -1.70 10.43 0.01
C ILE A 51 -2.81 9.41 -0.21
N SER A 52 -3.76 9.35 0.73
CA SER A 52 -4.85 8.39 0.66
C SER A 52 -5.90 8.85 -0.36
N ALA A 53 -6.81 7.93 -0.69
CA ALA A 53 -7.76 8.16 -1.78
C ALA A 53 -8.54 9.47 -1.60
N SER A 54 -8.93 9.80 -0.38
CA SER A 54 -9.68 11.02 -0.14
C SER A 54 -8.89 12.02 0.70
N SER A 55 -7.57 11.93 0.68
CA SER A 55 -6.67 12.87 1.34
C SER A 55 -6.79 12.87 2.85
N SER A 56 -7.45 11.88 3.45
CA SER A 56 -7.49 11.84 4.92
C SER A 56 -6.11 11.61 5.50
N TYR A 57 -5.31 10.75 4.89
CA TYR A 57 -4.00 10.42 5.41
C TYR A 57 -2.94 10.85 4.40
N SER A 58 -1.85 11.43 4.92
CA SER A 58 -0.69 11.73 4.10
C SER A 58 0.55 11.37 4.91
N ASP A 59 1.62 11.04 4.20
CA ASP A 59 2.88 10.64 4.86
C ASP A 59 4.06 11.12 4.01
N TYR A 60 5.21 11.34 4.65
CA TYR A 60 6.39 11.87 3.93
C TYR A 60 7.66 11.20 4.44
N ALA A 61 8.67 11.10 3.59
CA ALA A 61 9.97 10.59 4.06
C ALA A 61 10.62 11.67 4.91
N ASP A 62 11.55 11.30 5.78
CA ASP A 62 12.21 12.28 6.68
C ASP A 62 12.78 13.46 5.87
N SER A 63 13.33 13.18 4.68
CA SER A 63 13.94 14.24 3.83
C SER A 63 12.88 15.24 3.36
N ALA A 64 11.65 14.79 3.09
CA ALA A 64 10.59 15.66 2.56
C ALA A 64 9.78 16.33 3.67
N LYS A 65 9.91 15.85 4.90
CA LYS A 65 9.07 16.40 6.01
C LYS A 65 9.31 17.91 6.16
N GLY A 66 8.22 18.69 6.14
CA GLY A 66 8.32 20.15 6.29
C GLY A 66 8.46 20.86 4.96
N ARG A 67 9.33 20.37 4.08
CA ARG A 67 9.60 21.06 2.84
C ARG A 67 8.57 20.73 1.76
N PHE A 68 8.13 19.48 1.70
CA PHE A 68 7.26 19.00 0.64
C PHE A 68 5.85 18.82 1.15
N THR A 69 4.87 19.08 0.29
CA THR A 69 3.47 18.86 0.63
C THR A 69 2.77 18.18 -0.54
N ILE A 70 2.24 16.97 -0.31
CA ILE A 70 1.51 16.22 -1.33
C ILE A 70 0.05 16.63 -1.27
N SER A 71 -0.64 16.54 -2.40
CA SER A 71 -2.07 16.81 -2.43
C SER A 71 -2.65 16.21 -3.70
N ARG A 72 -3.98 16.12 -3.73
CA ARG A 72 -4.66 15.59 -4.90
C ARG A 72 -5.95 16.35 -5.13
N ASP A 73 -6.44 16.30 -6.37
CA ASP A 73 -7.77 16.78 -6.72
C ASP A 73 -8.48 15.69 -7.51
N ASN A 74 -9.40 14.98 -6.86
CA ASN A 74 -10.06 13.86 -7.51
C ASN A 74 -10.97 14.31 -8.64
N ALA A 75 -11.42 15.57 -8.62
CA ALA A 75 -12.25 16.08 -9.70
C ALA A 75 -11.48 16.09 -11.02
N LYS A 76 -10.23 16.57 -11.00
CA LYS A 76 -9.42 16.56 -12.21
C LYS A 76 -8.54 15.33 -12.34
N THR A 77 -8.67 14.38 -11.42
CA THR A 77 -7.82 13.18 -11.35
C THR A 77 -6.35 13.56 -11.52
N SER A 78 -5.88 14.38 -10.60
CA SER A 78 -4.52 14.88 -10.63
C SER A 78 -3.90 14.79 -9.25
N LEU A 79 -2.61 14.51 -9.23
CA LEU A 79 -1.81 14.46 -8.03
C LEU A 79 -0.78 15.58 -8.12
N PHE A 80 -0.37 16.11 -6.98
CA PHE A 80 0.57 17.25 -6.96
C PHE A 80 1.60 17.09 -5.85
N LEU A 81 2.82 17.57 -6.08
CA LEU A 81 3.83 17.58 -5.00
C LEU A 81 4.41 18.99 -4.96
N GLN A 82 4.17 19.72 -3.86
CA GLN A 82 4.72 21.08 -3.71
C GLN A 82 6.05 20.98 -2.99
N MET A 83 7.13 21.30 -3.71
CA MET A 83 8.47 21.17 -3.11
C MET A 83 9.05 22.57 -2.84
N ASN A 84 9.44 22.82 -1.60
CA ASN A 84 10.03 24.13 -1.22
C ASN A 84 11.38 23.89 -0.55
N SER A 85 12.22 24.93 -0.46
CA SER A 85 13.57 24.82 0.16
C SER A 85 14.35 23.69 -0.51
N LEU A 86 14.27 23.61 -1.84
CA LEU A 86 14.91 22.48 -2.58
C LEU A 86 16.45 22.56 -2.45
N ARG A 87 17.10 21.41 -2.34
CA ARG A 87 18.59 21.34 -2.24
C ARG A 87 19.11 20.48 -3.38
N ALA A 88 20.43 20.45 -3.59
CA ALA A 88 21.02 19.73 -4.71
C ALA A 88 20.72 18.24 -4.66
N GLU A 89 20.67 17.65 -3.47
CA GLU A 89 20.36 16.23 -3.32
C GLU A 89 18.93 15.90 -3.72
N ASP A 90 18.08 16.90 -3.97
CA ASP A 90 16.74 16.61 -4.47
C ASP A 90 16.71 16.41 -5.98
N THR A 91 17.81 16.69 -6.67
CA THR A 91 17.94 16.36 -8.08
C THR A 91 17.64 14.89 -8.31
N ALA A 92 16.59 14.61 -9.08
CA ALA A 92 16.13 13.25 -9.29
C ALA A 92 15.09 13.25 -10.41
N ILE A 93 14.81 12.06 -10.91
CA ILE A 93 13.61 11.80 -11.68
C ILE A 93 12.51 11.48 -10.68
N TYR A 94 11.40 12.22 -10.74
CA TYR A 94 10.29 12.03 -9.83
C TYR A 94 9.18 11.26 -10.54
N PHE A 95 8.81 10.11 -10.00
CA PHE A 95 7.79 9.24 -10.54
C PHE A 95 6.49 9.38 -9.75
N CYS A 96 5.38 9.28 -10.46
CA CYS A 96 4.04 9.26 -9.85
C CYS A 96 3.60 7.79 -9.92
N ALA A 97 3.09 7.24 -8.82
CA ALA A 97 2.78 5.81 -8.80
C ALA A 97 1.46 5.53 -8.09
N ARG A 98 0.67 4.63 -8.69
CA ARG A 98 -0.57 4.20 -8.06
C ARG A 98 -0.27 3.05 -7.11
N ALA A 99 -0.80 3.14 -5.89
CA ALA A 99 -0.55 2.14 -4.88
C ALA A 99 -1.73 1.19 -4.73
N ARG A 100 -1.42 -0.01 -4.25
CA ARG A 100 -2.38 -1.06 -3.95
C ARG A 100 -1.93 -1.73 -2.67
N ALA A 101 -2.90 -2.32 -1.95
CA ALA A 101 -2.56 -3.08 -0.75
C ALA A 101 -3.58 -4.18 -0.58
N THR A 102 -3.11 -5.43 -0.62
CA THR A 102 -4.00 -6.58 -0.51
C THR A 102 -4.66 -6.64 0.87
N GLY A 103 -3.92 -6.28 1.92
CA GLY A 103 -4.49 -6.27 3.24
C GLY A 103 -4.92 -7.62 3.76
N TYR A 104 -4.26 -8.70 3.31
CA TYR A 104 -4.62 -10.02 3.81
C TYR A 104 -3.83 -10.37 5.06
N SER A 105 -2.52 -10.30 4.99
CA SER A 105 -1.65 -10.63 6.11
C SER A 105 -1.01 -9.40 6.73
N SER A 106 -1.09 -8.26 6.05
CA SER A 106 -0.52 -7.00 6.49
C SER A 106 -1.02 -5.93 5.54
N ILE A 107 -0.68 -4.70 5.87
CA ILE A 107 -0.96 -3.58 4.94
C ILE A 107 0.41 -3.13 4.44
N THR A 108 0.87 -3.73 3.34
CA THR A 108 2.18 -3.39 2.76
C THR A 108 1.91 -2.93 1.33
N PRO A 109 1.91 -1.62 1.08
CA PRO A 109 1.58 -1.11 -0.24
C PRO A 109 2.58 -1.40 -1.38
N TYR A 110 2.08 -1.85 -2.52
CA TYR A 110 2.94 -1.95 -3.70
C TYR A 110 2.44 -1.00 -4.78
N PHE A 111 3.30 -0.73 -5.76
CA PHE A 111 3.06 0.29 -6.78
C PHE A 111 2.89 -0.38 -8.13
N ASP A 112 1.65 -0.47 -8.62
CA ASP A 112 1.43 -1.29 -9.81
C ASP A 112 1.44 -0.49 -11.10
N ILE A 113 1.32 0.83 -11.04
CA ILE A 113 1.37 1.70 -12.20
C ILE A 113 2.28 2.87 -11.88
N TRP A 114 3.20 3.17 -12.79
CA TRP A 114 4.15 4.26 -12.65
C TRP A 114 4.05 5.18 -13.86
N GLY A 115 4.22 6.48 -13.65
CA GLY A 115 4.41 7.38 -14.76
C GLY A 115 5.84 7.33 -15.23
N GLN A 116 6.13 8.01 -16.34
CA GLN A 116 7.49 7.97 -16.84
C GLN A 116 8.43 8.89 -16.07
N GLY A 117 7.91 9.78 -15.23
CA GLY A 117 8.74 10.63 -14.40
C GLY A 117 9.11 11.92 -15.10
N THR A 118 9.30 12.96 -14.29
CA THR A 118 9.85 14.24 -14.75
C THR A 118 11.14 14.52 -13.99
N LEU A 119 12.09 15.14 -14.69
CA LEU A 119 13.39 15.45 -14.10
C LEU A 119 13.32 16.78 -13.36
N VAL A 120 13.79 16.76 -12.11
CA VAL A 120 13.93 17.96 -11.30
C VAL A 120 15.42 18.15 -11.03
N THR A 121 15.97 19.27 -11.49
CA THR A 121 17.39 19.57 -11.38
C THR A 121 17.58 20.77 -10.47
N VAL A 122 18.20 20.54 -9.32
CA VAL A 122 18.48 21.66 -8.38
C VAL A 122 19.96 21.99 -8.47
N SER A 123 20.29 23.20 -8.95
CA SER A 123 21.70 23.62 -9.08
C SER A 123 21.82 25.14 -9.03
N SER A 124 22.93 25.65 -8.47
CA SER A 124 23.19 27.11 -8.49
C SER A 124 23.76 27.49 -9.85
N ALA A 125 23.89 26.52 -10.76
CA ALA A 125 24.51 26.77 -12.09
C ALA A 125 23.51 27.34 -13.09
N SER A 126 24.02 28.00 -14.14
CA SER A 126 23.16 28.57 -15.21
C SER A 126 23.58 27.99 -16.56
N THR A 127 22.71 28.10 -17.57
CA THR A 127 23.02 27.51 -18.90
C THR A 127 24.39 27.96 -19.38
N LYS A 128 25.25 27.02 -19.81
CA LYS A 128 26.62 27.36 -20.26
C LYS A 128 26.99 26.59 -21.53
N GLY A 129 27.49 27.28 -22.55
CA GLY A 129 28.00 26.68 -23.76
C GLY A 129 29.24 25.86 -23.48
N PRO A 130 29.47 24.82 -24.28
CA PRO A 130 30.63 23.95 -24.09
C PRO A 130 31.88 24.50 -24.77
N SER A 131 33.01 24.24 -24.13
CA SER A 131 34.31 24.53 -24.69
C SER A 131 34.94 23.19 -25.11
N VAL A 132 35.23 23.09 -26.43
CA VAL A 132 35.71 21.80 -27.00
C VAL A 132 37.21 21.80 -27.27
N PHE A 133 37.96 20.96 -26.57
CA PHE A 133 39.38 20.80 -26.78
C PHE A 133 39.64 19.46 -27.45
N PRO A 134 40.63 19.36 -28.36
CA PRO A 134 40.83 18.12 -29.12
C PRO A 134 41.67 17.05 -28.43
N LEU A 135 41.30 15.78 -28.62
CA LEU A 135 42.12 14.66 -28.09
C LEU A 135 43.09 14.30 -29.21
N ALA A 136 44.39 14.41 -28.98
CA ALA A 136 45.38 14.24 -30.07
C ALA A 136 45.63 12.79 -30.47
N PRO A 137 45.32 12.39 -31.72
CA PRO A 137 45.70 11.06 -32.20
C PRO A 137 47.23 10.96 -32.27
N SER A 138 47.79 9.97 -31.59
CA SER A 138 49.27 9.79 -31.54
C SER A 138 49.62 8.30 -31.58
N ALA A 148 42.93 5.91 -32.21
CA ALA A 148 42.18 6.53 -31.10
C ALA A 148 42.24 8.05 -31.19
N LEU A 149 41.20 8.69 -31.76
CA LEU A 149 41.14 10.17 -31.82
C LEU A 149 39.83 10.62 -31.18
N GLY A 150 39.84 11.74 -30.46
CA GLY A 150 38.58 12.23 -29.89
C GLY A 150 38.55 13.71 -29.59
N CYS A 151 37.42 14.18 -29.06
CA CYS A 151 37.27 15.61 -28.67
C CYS A 151 36.58 15.67 -27.31
N LEU A 152 37.09 16.51 -26.40
CA LEU A 152 36.55 16.58 -25.01
C LEU A 152 35.74 17.87 -24.80
N VAL A 153 34.46 17.76 -24.40
CA VAL A 153 33.67 18.98 -24.03
C VAL A 153 33.98 19.22 -22.54
N LYS A 154 34.24 20.47 -22.12
CA LYS A 154 34.70 20.63 -20.71
C LYS A 154 33.60 21.07 -19.74
N ASP A 155 33.09 22.29 -19.86
CA ASP A 155 32.12 22.76 -18.82
C ASP A 155 30.87 23.31 -19.50
N TYR A 156 29.77 22.55 -19.44
CA TYR A 156 28.52 23.00 -20.09
C TYR A 156 27.35 22.78 -19.13
N PHE A 157 26.20 23.39 -19.45
CA PHE A 157 24.98 23.24 -18.61
C PHE A 157 23.78 23.64 -19.45
N PRO A 158 22.58 23.04 -19.27
CA PRO A 158 22.42 21.75 -18.58
C PRO A 158 22.93 20.51 -19.32
N GLU A 159 22.53 19.32 -18.87
CA GLU A 159 23.12 18.07 -19.43
C GLU A 159 22.95 17.88 -20.94
N PRO A 160 21.76 18.03 -21.56
CA PRO A 160 21.61 17.68 -22.99
C PRO A 160 22.77 18.12 -23.90
N VAL A 161 23.46 17.17 -24.54
CA VAL A 161 24.62 17.50 -25.42
C VAL A 161 24.86 16.34 -26.40
N THR A 162 24.90 16.63 -27.70
CA THR A 162 25.07 15.57 -28.72
C THR A 162 26.43 15.74 -29.41
N VAL A 163 27.14 14.63 -29.63
CA VAL A 163 28.46 14.69 -30.32
C VAL A 163 28.47 13.74 -31.52
N SER A 164 28.65 14.26 -32.72
CA SER A 164 28.75 13.42 -33.94
C SER A 164 30.19 13.52 -34.46
N TRP A 165 30.54 12.70 -35.44
CA TRP A 165 31.89 12.83 -36.06
C TRP A 165 31.70 12.94 -37.58
N ASN A 166 32.52 13.76 -38.22
CA ASN A 166 32.48 13.92 -39.70
C ASN A 166 31.02 14.04 -40.16
N SER A 167 30.22 14.91 -39.53
CA SER A 167 28.84 15.14 -39.94
C SER A 167 28.05 13.84 -40.04
N GLY A 168 28.37 12.88 -39.18
CA GLY A 168 27.70 11.59 -39.18
C GLY A 168 28.28 10.55 -40.10
N ALA A 169 29.27 10.91 -40.91
CA ALA A 169 29.92 9.93 -41.83
C ALA A 169 30.60 8.83 -41.00
N LEU A 170 31.36 9.21 -39.97
CA LEU A 170 32.01 8.21 -39.08
C LEU A 170 30.98 7.72 -38.07
N THR A 171 30.04 6.87 -38.52
CA THR A 171 28.98 6.32 -37.62
C THR A 171 29.49 5.02 -36.99
N SER A 172 30.36 4.29 -37.69
CA SER A 172 30.93 3.03 -37.15
C SER A 172 32.34 3.30 -36.60
N GLY A 173 32.60 2.91 -35.35
CA GLY A 173 33.91 3.19 -34.72
C GLY A 173 33.88 4.50 -33.97
N VAL A 174 32.93 4.67 -33.05
CA VAL A 174 32.80 5.95 -32.28
C VAL A 174 31.95 5.70 -31.03
N HIS A 175 32.36 6.25 -29.89
CA HIS A 175 31.53 6.12 -28.67
C HIS A 175 31.48 7.46 -27.92
N THR A 176 30.28 7.98 -27.71
CA THR A 176 30.15 9.21 -26.89
C THR A 176 29.96 8.75 -25.44
N PHE A 177 30.88 9.15 -24.55
CA PHE A 177 30.83 8.65 -23.15
C PHE A 177 29.74 9.37 -22.36
N PRO A 178 29.43 8.93 -21.12
CA PRO A 178 28.44 9.63 -20.29
C PRO A 178 29.08 10.87 -19.66
N ALA A 179 28.26 11.85 -19.29
CA ALA A 179 28.82 13.12 -18.76
C ALA A 179 29.24 12.97 -17.31
N VAL A 180 30.07 13.89 -16.82
CA VAL A 180 30.51 13.86 -15.40
C VAL A 180 30.17 15.23 -14.79
N LEU A 181 29.55 15.23 -13.62
CA LEU A 181 29.28 16.51 -12.93
C LEU A 181 30.47 16.83 -12.02
N GLN A 182 30.95 18.06 -12.06
CA GLN A 182 32.15 18.43 -11.26
C GLN A 182 31.72 19.29 -10.06
N SER A 183 32.63 19.50 -9.11
CA SER A 183 32.33 20.37 -7.94
C SER A 183 31.90 21.74 -8.45
N SER A 184 32.25 22.06 -9.70
CA SER A 184 31.86 23.35 -10.32
C SER A 184 30.36 23.34 -10.57
N GLY A 185 29.76 22.15 -10.69
CA GLY A 185 28.33 22.06 -11.02
C GLY A 185 28.12 22.04 -12.52
N LEU A 186 29.20 21.89 -13.28
CA LEU A 186 29.11 21.88 -14.77
C LEU A 186 29.38 20.48 -15.30
N TYR A 187 29.06 20.24 -16.57
CA TYR A 187 29.19 18.87 -17.14
C TYR A 187 30.33 18.79 -18.16
N SER A 188 30.89 17.58 -18.33
CA SER A 188 31.97 17.36 -19.33
C SER A 188 31.79 15.98 -19.98
N LEU A 189 31.82 15.91 -21.31
CA LEU A 189 31.63 14.64 -22.05
C LEU A 189 32.87 14.34 -22.89
N SER A 190 32.99 13.11 -23.39
CA SER A 190 34.11 12.78 -24.31
C SER A 190 33.55 11.88 -25.41
N SER A 191 33.99 12.09 -26.65
CA SER A 191 33.58 11.20 -27.77
C SER A 191 34.84 10.65 -28.41
N VAL A 192 34.94 9.33 -28.56
CA VAL A 192 36.20 8.73 -29.07
C VAL A 192 35.96 8.10 -30.44
N VAL A 193 37.02 7.97 -31.23
CA VAL A 193 36.91 7.36 -32.59
C VAL A 193 38.11 6.46 -32.81
N THR A 194 37.89 5.25 -33.35
CA THR A 194 39.03 4.37 -33.70
C THR A 194 39.08 4.21 -35.22
N VAL A 195 40.18 4.62 -35.84
CA VAL A 195 40.33 4.51 -37.32
C VAL A 195 41.73 3.96 -37.62
N PRO A 196 42.02 3.47 -38.85
CA PRO A 196 43.36 3.00 -39.18
C PRO A 196 44.42 4.07 -38.93
N SER A 197 45.51 3.70 -38.24
CA SER A 197 46.61 4.65 -37.96
C SER A 197 47.29 5.03 -39.27
N SER A 198 46.81 4.48 -40.39
CA SER A 198 47.37 4.84 -41.72
C SER A 198 46.42 5.82 -42.42
N SER A 199 45.19 5.97 -41.90
CA SER A 199 44.19 6.87 -42.52
C SER A 199 44.25 8.26 -41.88
N LEU A 200 45.39 8.60 -41.29
CA LEU A 200 45.56 9.94 -40.65
C LEU A 200 45.43 11.04 -41.70
N GLY A 201 46.16 10.91 -42.81
CA GLY A 201 46.11 11.92 -43.88
C GLY A 201 45.04 11.61 -44.91
N THR A 204 40.23 13.56 -43.30
CA THR A 204 40.24 14.47 -42.11
C THR A 204 38.92 14.28 -41.36
N TYR A 205 39.00 14.14 -40.03
CA TYR A 205 37.79 13.84 -39.22
C TYR A 205 37.39 15.06 -38.39
N ILE A 206 36.11 15.45 -38.45
CA ILE A 206 35.69 16.67 -37.71
C ILE A 206 34.77 16.30 -36.55
N CYS A 207 34.97 16.92 -35.38
CA CYS A 207 34.15 16.62 -34.17
C CYS A 207 32.95 17.56 -34.11
N ASN A 208 31.77 17.06 -34.50
CA ASN A 208 30.54 17.91 -34.52
C ASN A 208 29.83 17.84 -33.17
N VAL A 209 29.68 18.99 -32.49
CA VAL A 209 29.06 19.01 -31.15
C VAL A 209 27.85 19.95 -31.16
N ASN A 210 26.83 19.65 -30.35
CA ASN A 210 25.62 20.51 -30.27
C ASN A 210 25.11 20.61 -28.84
N HIS A 211 25.09 21.82 -28.26
CA HIS A 211 24.51 22.02 -26.91
C HIS A 211 23.15 22.70 -27.07
N LYS A 212 22.18 21.99 -27.63
CA LYS A 212 20.86 22.63 -27.93
C LYS A 212 20.41 23.55 -26.79
N PRO A 213 20.51 23.21 -25.48
CA PRO A 213 20.14 24.15 -24.43
C PRO A 213 20.68 25.57 -24.62
N SER A 214 21.95 25.70 -24.99
CA SER A 214 22.58 27.04 -25.19
C SER A 214 22.61 27.39 -26.67
N ASN A 215 22.04 26.53 -27.53
CA ASN A 215 22.01 26.76 -28.97
C ASN A 215 23.41 26.98 -29.52
N THR A 216 24.32 26.06 -29.17
CA THR A 216 25.73 26.16 -29.62
C THR A 216 26.08 24.94 -30.47
N LYS A 217 26.77 25.14 -31.59
CA LYS A 217 27.21 23.99 -32.43
C LYS A 217 28.70 24.15 -32.77
N VAL A 218 29.57 23.37 -32.13
CA VAL A 218 31.05 23.47 -32.36
C VAL A 218 31.50 22.38 -33.32
N ASP A 219 32.27 22.75 -34.35
CA ASP A 219 32.81 21.74 -35.31
C ASP A 219 34.35 21.80 -35.32
N LYS A 220 35.00 21.13 -34.36
CA LYS A 220 36.48 21.07 -34.26
C LYS A 220 36.99 19.96 -35.18
N LYS A 221 38.25 20.02 -35.60
CA LYS A 221 38.89 18.91 -36.34
C LYS A 221 40.03 18.34 -35.50
N VAL A 222 40.27 17.04 -35.60
CA VAL A 222 41.35 16.41 -34.79
C VAL A 222 42.59 16.21 -35.67
N GLU A 223 43.76 16.51 -35.13
CA GLU A 223 45.02 16.37 -35.91
C GLU A 223 46.13 15.91 -34.97
N PRO A 224 47.12 15.15 -35.46
CA PRO A 224 48.19 14.66 -34.61
C PRO A 224 49.06 15.79 -34.07
N LYS A 225 49.80 15.51 -32.99
CA LYS A 225 50.71 16.52 -32.39
C LYS A 225 51.59 17.13 -33.48
N LEU B 19 -21.39 15.04 5.25
CA LEU B 19 -22.34 14.24 4.50
C LEU B 19 -23.22 15.10 3.62
N LYS B 20 -23.68 14.55 2.51
CA LYS B 20 -24.50 15.27 1.54
C LYS B 20 -25.58 14.32 1.05
N GLU B 21 -26.83 14.67 1.35
CA GLU B 21 -27.97 13.80 0.98
C GLU B 21 -28.80 14.49 -0.10
N SER B 22 -29.16 13.74 -1.14
CA SER B 22 -29.97 14.25 -2.22
C SER B 22 -31.25 13.44 -2.29
N TYR B 23 -32.39 14.11 -2.20
CA TYR B 23 -33.68 13.49 -2.44
C TYR B 23 -33.93 13.44 -3.94
N LEU B 24 -34.12 12.22 -4.46
CA LEU B 24 -34.39 12.01 -5.88
C LEU B 24 -35.89 11.90 -6.07
N GLU B 25 -36.54 13.02 -6.40
CA GLU B 25 -38.03 13.07 -6.48
C GLU B 25 -38.60 12.14 -7.53
N GLU B 26 -37.85 11.87 -8.58
CA GLU B 26 -38.38 11.04 -9.70
C GLU B 26 -38.51 9.57 -9.30
N SER B 27 -37.83 9.14 -8.26
CA SER B 27 -37.80 7.70 -7.89
C SER B 27 -38.09 7.51 -6.40
N CYS B 28 -38.58 8.54 -5.71
CA CYS B 28 -38.79 8.44 -4.26
C CYS B 28 -37.65 7.70 -3.57
N SER B 29 -36.44 8.25 -3.74
CA SER B 29 -35.24 7.65 -3.17
C SER B 29 -34.30 8.76 -2.73
N THR B 30 -33.32 8.40 -1.91
CA THR B 30 -32.28 9.33 -1.49
C THR B 30 -30.92 8.68 -1.68
N ILE B 31 -29.93 9.51 -1.96
CA ILE B 31 -28.53 9.08 -1.94
C ILE B 31 -27.78 10.00 -0.99
N THR B 32 -27.04 9.41 -0.06
CA THR B 32 -26.22 10.17 0.89
C THR B 32 -24.77 9.84 0.60
N GLU B 33 -23.97 10.89 0.35
CA GLU B 33 -22.58 10.77 -0.06
C GLU B 33 -21.67 11.45 0.95
N GLY B 34 -20.37 11.21 0.80
CA GLY B 34 -19.37 11.78 1.69
C GLY B 34 -18.88 10.83 2.75
N TYR B 35 -19.31 9.58 2.74
CA TYR B 35 -18.79 8.58 3.64
C TYR B 35 -17.43 8.04 3.15
N LEU B 36 -16.64 7.53 4.08
CA LEU B 36 -15.30 7.06 3.81
C LEU B 36 -15.18 5.60 4.24
N SER B 37 -14.64 4.76 3.36
CA SER B 37 -14.63 3.32 3.58
C SER B 37 -13.62 2.91 4.66
N VAL B 38 -14.00 1.86 5.38
CA VAL B 38 -13.08 1.08 6.22
C VAL B 38 -13.46 -0.37 5.96
N LEU B 39 -12.81 -1.03 5.01
CA LEU B 39 -13.22 -2.36 4.56
C LEU B 39 -12.26 -3.42 5.08
N ARG B 40 -12.81 -4.43 5.76
CA ARG B 40 -11.98 -5.51 6.30
C ARG B 40 -11.50 -6.40 5.17
N THR B 41 -10.18 -6.52 5.03
CA THR B 41 -9.54 -7.35 4.02
C THR B 41 -8.81 -8.56 4.58
N GLY B 42 -8.48 -8.55 5.86
CA GLY B 42 -7.76 -9.68 6.41
C GLY B 42 -7.92 -9.78 7.90
N TRP B 43 -7.07 -10.61 8.50
CA TRP B 43 -7.14 -10.97 9.90
C TRP B 43 -5.73 -11.01 10.50
N TYR B 44 -5.63 -10.53 11.72
CA TYR B 44 -4.42 -10.60 12.53
C TYR B 44 -4.70 -11.48 13.73
N THR B 45 -3.88 -12.52 13.92
CA THR B 45 -4.13 -13.53 14.94
C THR B 45 -3.34 -13.24 16.21
N ASN B 46 -4.05 -13.11 17.33
CA ASN B 46 -3.47 -13.03 18.66
C ASN B 46 -3.87 -14.30 19.41
N VAL B 47 -2.89 -15.14 19.77
CA VAL B 47 -3.13 -16.39 20.50
C VAL B 47 -2.94 -16.13 21.98
N PHE B 48 -3.82 -16.69 22.80
CA PHE B 48 -3.79 -16.51 24.26
C PHE B 48 -3.60 -17.86 24.96
N THR B 49 -2.88 -17.81 26.07
CA THR B 49 -2.72 -19.02 26.91
C THR B 49 -3.18 -18.61 28.32
N LEU B 50 -4.43 -18.93 28.66
CA LEU B 50 -4.95 -18.59 30.01
C LEU B 50 -4.62 -19.73 30.98
N GLU B 51 -3.69 -19.47 31.90
CA GLU B 51 -3.25 -20.52 32.85
C GLU B 51 -4.17 -20.52 34.07
N VAL B 52 -4.82 -21.66 34.34
CA VAL B 52 -5.77 -21.79 35.48
C VAL B 52 -5.01 -22.34 36.68
N GLY B 53 -4.11 -23.28 36.43
CA GLY B 53 -3.32 -23.89 37.52
C GLY B 53 -3.89 -25.22 37.94
N ASP B 54 -3.23 -25.90 38.88
CA ASP B 54 -3.68 -27.23 39.34
C ASP B 54 -4.78 -27.05 40.38
N VAL B 55 -6.01 -26.85 39.93
CA VAL B 55 -7.17 -26.66 40.84
C VAL B 55 -7.85 -28.02 40.99
N GLU B 56 -7.56 -28.95 40.10
CA GLU B 56 -8.21 -30.28 40.14
C GLU B 56 -7.55 -31.14 41.22
N ASN B 57 -6.37 -30.71 41.70
CA ASN B 57 -5.65 -31.44 42.77
C ASN B 57 -5.97 -30.78 44.12
N LEU B 58 -7.03 -29.98 44.17
CA LEU B 58 -7.45 -29.31 45.42
C LEU B 58 -8.91 -29.71 45.71
N THR B 59 -9.26 -29.83 46.98
CA THR B 59 -10.65 -30.18 47.36
C THR B 59 -11.02 -29.53 48.70
N CYS B 60 -12.31 -29.41 48.97
CA CYS B 60 -12.78 -28.79 50.22
C CYS B 60 -13.67 -29.79 50.94
N ALA B 61 -13.14 -30.39 52.00
CA ALA B 61 -13.88 -31.33 52.83
C ALA B 61 -14.31 -30.65 54.14
N ASP B 62 -15.01 -29.54 53.99
CA ASP B 62 -15.41 -28.69 55.12
C ASP B 62 -16.89 -28.36 55.14
N GLY B 63 -17.63 -28.64 54.08
CA GLY B 63 -18.99 -28.18 53.98
C GLY B 63 -19.05 -26.91 53.18
N PRO B 64 -20.23 -26.28 53.13
CA PRO B 64 -20.38 -25.05 52.33
C PRO B 64 -19.40 -23.99 52.80
N SER B 65 -18.82 -23.27 51.83
CA SER B 65 -17.81 -22.26 52.11
C SER B 65 -17.69 -21.34 50.91
N LEU B 66 -17.13 -20.15 51.15
CA LEU B 66 -16.88 -19.23 50.04
C LEU B 66 -15.83 -19.79 49.09
N ILE B 67 -14.70 -20.21 49.64
CA ILE B 67 -13.65 -20.78 48.80
C ILE B 67 -14.14 -22.05 48.10
N LYS B 68 -14.87 -22.90 48.82
CA LYS B 68 -15.42 -24.11 48.20
C LYS B 68 -16.30 -23.76 47.00
N THR B 69 -17.19 -22.78 47.16
CA THR B 69 -18.02 -22.35 46.03
C THR B 69 -17.15 -21.92 44.86
N GLU B 70 -16.09 -21.13 45.11
CA GLU B 70 -15.27 -20.66 44.00
C GLU B 70 -14.46 -21.79 43.38
N LEU B 71 -13.90 -22.68 44.22
CA LEU B 71 -13.16 -23.82 43.72
C LEU B 71 -14.02 -24.72 42.83
N ASP B 72 -15.25 -25.01 43.27
CA ASP B 72 -16.12 -25.87 42.48
C ASP B 72 -16.51 -25.22 41.16
N LEU B 73 -16.78 -23.92 41.18
CA LEU B 73 -17.04 -23.20 39.93
C LEU B 73 -15.84 -23.31 38.98
N THR B 74 -14.63 -23.13 39.51
CA THR B 74 -13.43 -23.18 38.67
C THR B 74 -13.17 -24.58 38.15
N LYS B 75 -13.33 -25.59 39.01
CA LYS B 75 -13.15 -26.96 38.57
C LYS B 75 -14.17 -27.33 37.51
N SER B 76 -15.44 -26.98 37.74
CA SER B 76 -16.47 -27.35 36.76
C SER B 76 -16.28 -26.58 35.45
N ALA B 77 -16.04 -25.27 35.52
CA ALA B 77 -15.80 -24.50 34.29
C ALA B 77 -14.69 -25.13 33.46
N LEU B 78 -13.62 -25.60 34.11
CA LEU B 78 -12.51 -26.21 33.39
C LEU B 78 -12.89 -27.57 32.84
N ARG B 79 -13.74 -28.31 33.54
CA ARG B 79 -14.18 -29.61 33.03
C ARG B 79 -15.16 -29.42 31.88
N GLU B 80 -16.04 -28.44 31.98
CA GLU B 80 -16.95 -28.15 30.87
C GLU B 80 -16.18 -27.72 29.62
N LEU B 81 -15.10 -26.95 29.78
CA LEU B 81 -14.35 -26.50 28.62
C LEU B 81 -13.70 -27.66 27.87
N ARG B 82 -13.23 -28.68 28.59
CA ARG B 82 -12.67 -29.84 27.91
C ARG B 82 -13.73 -30.56 27.07
N THR B 83 -15.00 -30.45 27.45
CA THR B 83 -16.06 -31.12 26.69
C THR B 83 -16.52 -30.26 25.52
N VAL B 84 -16.66 -28.95 25.71
CA VAL B 84 -16.96 -28.12 24.54
C VAL B 84 -15.83 -28.22 23.52
N SER B 85 -14.60 -28.42 24.00
CA SER B 85 -13.45 -28.57 23.08
C SER B 85 -13.56 -29.87 22.30
N ALA B 86 -13.93 -30.99 22.94
CA ALA B 86 -13.99 -32.29 22.25
C ALA B 86 -15.03 -32.23 21.13
N ASP B 87 -16.22 -31.71 21.45
CA ASP B 87 -17.29 -31.57 20.43
C ASP B 87 -16.78 -30.69 19.30
N GLN B 88 -16.13 -29.58 19.64
CA GLN B 88 -15.65 -28.63 18.61
C GLN B 88 -14.67 -29.37 17.69
N LEU B 89 -13.73 -30.10 18.28
CA LEU B 89 -12.68 -30.81 17.48
C LEU B 89 -13.38 -31.80 16.55
N ALA B 90 -14.34 -32.55 17.07
CA ALA B 90 -15.09 -33.50 16.21
C ALA B 90 -15.67 -32.74 15.02
N ARG B 91 -16.48 -31.71 15.30
CA ARG B 91 -17.17 -30.98 14.19
C ARG B 91 -16.18 -30.35 13.21
N GLU B 92 -14.99 -29.94 13.66
CA GLU B 92 -14.07 -29.19 12.76
C GLU B 92 -13.10 -30.13 12.03
N GLU B 93 -12.99 -31.38 12.46
CA GLU B 93 -12.14 -32.34 11.70
C GLU B 93 -13.01 -33.06 10.66
N GLY B 111 -25.03 -15.60 7.16
CA GLY B 111 -24.09 -14.53 6.84
C GLY B 111 -22.91 -15.01 6.03
N VAL B 112 -22.66 -14.36 4.90
CA VAL B 112 -21.53 -14.72 4.05
C VAL B 112 -20.21 -14.36 4.71
N ALA B 113 -20.16 -13.20 5.38
CA ALA B 113 -18.93 -12.77 6.02
C ALA B 113 -18.60 -13.64 7.22
N THR B 114 -19.61 -14.01 8.00
CA THR B 114 -19.37 -14.89 9.15
C THR B 114 -18.88 -16.26 8.70
N ALA B 115 -19.43 -16.78 7.60
CA ALA B 115 -19.00 -18.08 7.12
C ALA B 115 -17.57 -18.04 6.59
N ALA B 116 -17.21 -16.95 5.90
CA ALA B 116 -15.84 -16.81 5.42
C ALA B 116 -14.85 -16.65 6.56
N ALA B 117 -15.21 -15.84 7.55
CA ALA B 117 -14.33 -15.62 8.71
C ALA B 117 -14.04 -16.92 9.44
N VAL B 118 -15.08 -17.70 9.72
CA VAL B 118 -14.90 -18.93 10.50
C VAL B 118 -13.98 -19.90 9.77
N THR B 119 -14.22 -20.08 8.47
CA THR B 119 -13.39 -21.00 7.68
C THR B 119 -11.91 -20.64 7.80
N ALA B 120 -11.58 -19.35 7.71
CA ALA B 120 -10.18 -18.95 7.76
C ALA B 120 -9.60 -19.12 9.15
N GLY B 121 -10.37 -18.79 10.19
CA GLY B 121 -9.88 -18.97 11.54
C GLY B 121 -9.68 -20.43 11.90
N VAL B 122 -10.61 -21.29 11.49
CA VAL B 122 -10.51 -22.71 11.83
C VAL B 122 -9.28 -23.32 11.19
N ALA B 123 -8.88 -22.83 10.01
CA ALA B 123 -7.65 -23.30 9.38
C ALA B 123 -6.42 -22.97 10.22
N ILE B 124 -6.37 -21.77 10.80
CA ILE B 124 -5.24 -21.42 11.66
C ILE B 124 -5.31 -22.19 12.97
N ALA B 125 -6.53 -22.39 13.50
CA ALA B 125 -6.70 -23.14 14.73
C ALA B 125 -6.18 -24.56 14.59
N LYS B 126 -6.42 -25.22 13.45
CA LYS B 126 -5.86 -26.55 13.23
C LYS B 126 -4.35 -26.53 13.24
N CYS B 127 -3.74 -25.43 12.81
CA CYS B 127 -2.29 -25.30 12.87
C CYS B 127 -1.79 -25.25 14.30
N ILE B 128 -2.37 -24.35 15.10
CA ILE B 128 -1.97 -24.22 16.49
C ILE B 128 -2.25 -25.50 17.26
N ARG B 129 -3.28 -26.26 16.87
CA ARG B 129 -3.65 -27.45 17.64
C ARG B 129 -2.60 -28.56 17.54
N LEU B 130 -1.71 -28.51 16.55
CA LEU B 130 -0.62 -29.46 16.50
C LEU B 130 0.23 -29.38 17.76
N GLU B 131 0.77 -30.53 18.18
CA GLU B 131 1.49 -30.59 19.45
C GLU B 131 2.73 -29.71 19.44
N SER B 132 3.45 -29.70 18.30
CA SER B 132 4.68 -28.91 18.22
C SER B 132 4.39 -27.42 18.37
N GLU B 133 3.30 -26.94 17.79
CA GLU B 133 3.00 -25.49 17.85
C GLU B 133 2.59 -25.06 19.25
N VAL B 134 1.80 -25.87 19.96
CA VAL B 134 1.42 -25.54 21.33
C VAL B 134 2.68 -25.37 22.19
N THR B 135 3.56 -26.38 22.17
CA THR B 135 4.76 -26.32 23.01
C THR B 135 5.68 -25.19 22.59
N ALA B 136 5.79 -24.93 21.27
CA ALA B 136 6.52 -23.75 20.83
C ALA B 136 5.93 -22.48 21.42
N ILE B 137 4.60 -22.33 21.35
CA ILE B 137 3.95 -21.16 21.92
C ILE B 137 4.20 -21.08 23.42
N LYS B 138 3.99 -22.19 24.13
CA LYS B 138 4.23 -22.20 25.57
C LYS B 138 5.68 -21.85 25.90
N ASN B 139 6.62 -22.37 25.11
CA ASN B 139 8.03 -22.10 25.37
C ASN B 139 8.38 -20.64 25.14
N ALA B 140 7.95 -20.09 24.00
CA ALA B 140 8.21 -18.68 23.70
C ALA B 140 7.56 -17.74 24.72
N LEU B 141 6.58 -18.24 25.47
CA LEU B 141 5.88 -17.48 26.50
C LEU B 141 6.35 -17.81 27.90
N LYS B 142 7.41 -18.61 28.05
CA LYS B 142 7.89 -18.91 29.38
C LYS B 142 8.70 -17.75 29.97
N LYS B 143 9.34 -16.95 29.12
CA LYS B 143 10.21 -15.87 29.58
C LYS B 143 9.48 -14.54 29.70
N THR B 144 8.40 -14.35 28.95
CA THR B 144 7.65 -13.11 28.94
C THR B 144 6.18 -13.42 28.77
N ASN B 145 5.36 -12.37 28.89
CA ASN B 145 3.92 -12.51 28.72
C ASN B 145 3.47 -12.18 27.30
N GLU B 146 4.39 -11.82 26.42
CA GLU B 146 4.02 -11.49 25.05
C GLU B 146 5.19 -11.85 24.13
N ALA B 147 4.89 -12.50 23.02
CA ALA B 147 5.92 -12.83 22.04
C ALA B 147 5.29 -12.96 20.67
N VAL B 148 6.06 -12.58 19.66
CA VAL B 148 5.71 -12.83 18.26
C VAL B 148 6.26 -14.19 17.86
N SER B 149 5.49 -14.92 17.06
CA SER B 149 5.87 -16.24 16.60
C SER B 149 5.34 -16.43 15.19
N THR B 150 6.07 -17.18 14.39
CA THR B 150 5.60 -17.58 13.07
C THR B 150 5.33 -19.08 13.11
N LEU B 151 4.09 -19.46 12.84
CA LEU B 151 3.70 -20.86 12.91
C LEU B 151 4.26 -21.63 11.72
N GLY B 152 4.27 -22.95 11.87
CA GLY B 152 4.60 -23.86 10.78
C GLY B 152 3.73 -23.70 9.55
N CYS B 153 2.57 -23.06 9.69
CA CYS B 153 1.71 -22.74 8.55
C CYS B 153 2.12 -21.46 7.84
N GLY B 154 3.15 -20.76 8.33
CA GLY B 154 3.55 -19.49 7.77
C GLY B 154 2.78 -18.29 8.30
N VAL B 155 1.77 -18.50 9.13
CA VAL B 155 1.02 -17.39 9.71
C VAL B 155 1.81 -16.82 10.88
N ARG B 156 1.99 -15.51 10.86
CA ARG B 156 2.71 -14.79 11.92
C ARG B 156 1.68 -14.32 12.95
N VAL B 157 1.84 -14.73 14.20
CA VAL B 157 0.85 -14.47 15.22
C VAL B 157 1.51 -13.81 16.42
N LEU B 158 0.69 -13.13 17.21
CA LEU B 158 1.10 -12.65 18.52
C LEU B 158 0.60 -13.62 19.57
N ALA B 159 1.45 -13.93 20.54
CA ALA B 159 1.10 -14.83 21.63
C ALA B 159 1.13 -14.03 22.93
N THR B 160 0.13 -14.25 23.78
CA THR B 160 -0.04 -13.50 25.02
C THR B 160 -0.31 -14.48 26.16
N ALA B 161 0.40 -14.30 27.26
CA ALA B 161 0.24 -15.12 28.45
C ALA B 161 -0.64 -14.38 29.46
N VAL B 162 -1.62 -15.09 30.01
CA VAL B 162 -2.51 -14.60 31.05
C VAL B 162 -2.31 -15.53 32.25
N ARG B 163 -1.53 -15.10 33.24
CA ARG B 163 -1.05 -15.99 34.29
C ARG B 163 -1.64 -15.72 35.67
N GLU B 164 -2.52 -14.73 35.80
CA GLU B 164 -2.94 -14.29 37.14
C GLU B 164 -3.64 -15.41 37.90
N LEU B 165 -4.48 -16.20 37.22
CA LEU B 165 -5.19 -17.25 37.94
C LEU B 165 -4.24 -18.34 38.42
N LYS B 166 -3.32 -18.78 37.58
CA LYS B 166 -2.42 -19.87 37.99
C LYS B 166 -1.54 -19.38 39.14
N ASP B 167 -1.07 -18.15 39.07
CA ASP B 167 -0.16 -17.61 40.09
C ASP B 167 -0.87 -17.56 41.45
N PHE B 168 -2.12 -17.11 41.48
CA PHE B 168 -2.89 -17.11 42.74
C PHE B 168 -3.05 -18.53 43.27
N VAL B 169 -3.34 -19.48 42.39
CA VAL B 169 -3.63 -20.86 42.88
C VAL B 169 -2.37 -21.51 43.44
N SER B 170 -1.24 -21.29 42.79
CA SER B 170 0.00 -21.99 43.22
C SER B 170 0.70 -21.24 44.35
N LYS B 171 0.70 -19.92 44.32
CA LYS B 171 1.46 -19.13 45.30
C LYS B 171 0.59 -18.72 46.50
N ASN B 172 -0.69 -19.06 46.50
CA ASN B 172 -1.55 -18.57 47.60
C ASN B 172 -2.59 -19.62 48.01
N LEU B 173 -3.45 -20.04 47.09
CA LEU B 173 -4.56 -20.95 47.49
C LEU B 173 -4.07 -22.33 47.89
N THR B 174 -3.26 -22.99 47.06
CA THR B 174 -2.87 -24.40 47.31
C THR B 174 -2.32 -24.54 48.73
N ARG B 175 -1.50 -23.58 49.15
CA ARG B 175 -0.93 -23.62 50.50
C ARG B 175 -1.96 -23.23 51.55
N ALA B 176 -2.79 -22.21 51.31
CA ALA B 176 -3.66 -21.84 52.42
C ALA B 176 -4.69 -22.92 52.71
N ILE B 177 -4.99 -23.76 51.73
CA ILE B 177 -5.80 -24.98 51.96
C ILE B 177 -4.82 -26.08 52.32
N ASN B 178 -4.41 -26.09 53.60
CA ASN B 178 -3.38 -27.01 54.04
C ASN B 178 -3.86 -28.46 53.90
N LYS B 179 -4.96 -28.80 54.58
CA LYS B 179 -5.46 -30.16 54.64
C LYS B 179 -6.92 -30.19 54.21
N ASN B 180 -7.18 -29.66 53.01
CA ASN B 180 -8.54 -29.59 52.47
C ASN B 180 -9.47 -28.81 53.39
N LYS B 181 -8.92 -27.82 54.10
CA LYS B 181 -9.68 -26.94 54.96
C LYS B 181 -9.89 -25.61 54.22
N CYS B 182 -11.12 -25.38 53.75
CA CYS B 182 -11.44 -24.20 52.96
C CYS B 182 -12.24 -23.15 53.71
N ASP B 183 -12.85 -23.48 54.84
CA ASP B 183 -13.59 -22.52 55.66
C ASP B 183 -12.62 -21.74 56.56
N ILE B 184 -11.83 -20.87 55.92
CA ILE B 184 -10.82 -20.09 56.64
C ILE B 184 -11.40 -18.73 56.98
N PRO B 185 -10.86 -18.03 58.00
CA PRO B 185 -11.42 -16.72 58.35
C PRO B 185 -10.68 -15.55 57.71
N ASP B 186 -9.93 -15.81 56.65
CA ASP B 186 -9.14 -14.74 56.03
C ASP B 186 -10.02 -13.76 55.27
N LEU B 187 -11.01 -14.27 54.53
CA LEU B 187 -11.92 -13.48 53.71
C LEU B 187 -11.19 -12.84 52.54
N LYS B 188 -10.01 -12.28 52.79
CA LYS B 188 -9.20 -11.72 51.68
C LYS B 188 -8.94 -12.80 50.64
N MET B 189 -8.71 -14.03 51.07
CA MET B 189 -8.40 -15.12 50.14
C MET B 189 -9.61 -15.37 49.23
N ALA B 190 -10.79 -15.41 49.82
CA ALA B 190 -12.02 -15.68 49.04
C ALA B 190 -12.27 -14.56 48.05
N VAL B 191 -12.13 -13.32 48.51
CA VAL B 191 -12.32 -12.21 47.58
C VAL B 191 -11.34 -12.32 46.41
N SER B 192 -10.05 -12.54 46.72
CA SER B 192 -9.05 -12.63 45.67
C SER B 192 -9.36 -13.79 44.72
N PHE B 193 -9.75 -14.95 45.27
CA PHE B 193 -10.11 -16.08 44.42
C PHE B 193 -11.23 -15.70 43.47
N SER B 194 -12.29 -15.08 43.99
CA SER B 194 -13.36 -14.60 43.13
C SER B 194 -12.85 -13.58 42.12
N GLN B 195 -11.97 -12.67 42.55
CA GLN B 195 -11.48 -11.65 41.63
C GLN B 195 -10.65 -12.27 40.52
N PHE B 196 -9.76 -13.20 40.85
CA PHE B 196 -8.81 -13.72 39.87
C PHE B 196 -9.40 -14.74 38.91
N ASN B 197 -10.57 -15.33 39.22
CA ASN B 197 -11.07 -16.41 38.37
C ASN B 197 -12.24 -16.01 37.49
N ARG B 198 -12.76 -14.79 37.63
CA ARG B 198 -13.97 -14.46 36.86
C ARG B 198 -13.68 -14.32 35.38
N ARG B 199 -12.48 -13.85 35.00
CA ARG B 199 -12.18 -13.80 33.58
C ARG B 199 -12.24 -15.21 32.97
N PHE B 200 -11.62 -16.18 33.62
CA PHE B 200 -11.67 -17.59 33.14
C PHE B 200 -13.12 -18.07 33.03
N LEU B 201 -13.94 -17.80 34.05
CA LEU B 201 -15.35 -18.30 34.06
C LEU B 201 -16.10 -17.69 32.88
N ASN B 202 -15.94 -16.39 32.67
CA ASN B 202 -16.63 -15.69 31.55
C ASN B 202 -16.16 -16.26 30.20
N VAL B 203 -14.86 -16.55 30.07
CA VAL B 203 -14.31 -17.15 28.82
C VAL B 203 -14.99 -18.50 28.58
N VAL B 204 -15.10 -19.32 29.63
CA VAL B 204 -15.70 -20.67 29.49
C VAL B 204 -17.15 -20.52 29.03
N ARG B 205 -17.84 -19.54 29.65
CA ARG B 205 -19.26 -19.32 29.31
C ARG B 205 -19.38 -19.01 27.82
N GLN B 206 -18.60 -18.09 27.30
CA GLN B 206 -18.71 -17.63 25.89
C GLN B 206 -18.43 -18.77 24.93
N PHE B 207 -17.43 -19.61 25.22
CA PHE B 207 -17.06 -20.72 24.31
C PHE B 207 -18.07 -21.87 24.44
N SER B 208 -18.70 -22.02 25.61
CA SER B 208 -19.73 -23.08 25.78
C SER B 208 -21.03 -22.62 25.10
N ASP B 209 -21.39 -21.35 25.25
CA ASP B 209 -22.64 -20.82 24.67
C ASP B 209 -22.51 -20.72 23.14
N ASN B 210 -21.29 -20.70 22.60
CA ASN B 210 -21.12 -20.49 21.13
C ASN B 210 -20.37 -21.67 20.51
N ALA B 211 -20.23 -22.79 21.24
CA ALA B 211 -19.65 -24.01 20.68
C ALA B 211 -18.21 -23.81 20.21
N GLY B 212 -17.50 -22.90 20.86
CA GLY B 212 -16.09 -22.72 20.60
C GLY B 212 -15.74 -21.56 19.69
N ILE B 213 -16.71 -20.82 19.20
CA ILE B 213 -16.50 -19.72 18.27
C ILE B 213 -17.39 -18.57 18.72
N THR B 214 -16.81 -17.60 19.42
CA THR B 214 -17.58 -16.47 19.87
C THR B 214 -17.97 -15.59 18.68
N PRO B 215 -19.02 -14.78 18.82
CA PRO B 215 -19.41 -13.90 17.71
C PRO B 215 -18.58 -12.63 17.67
N ALA B 216 -18.12 -12.19 18.84
CA ALA B 216 -17.36 -10.96 18.96
C ALA B 216 -16.23 -11.18 19.96
N ILE B 217 -15.50 -10.12 20.26
CA ILE B 217 -14.36 -10.15 21.16
C ILE B 217 -14.78 -9.45 22.45
N SER B 218 -15.12 -10.21 23.47
CA SER B 218 -15.45 -9.63 24.77
C SER B 218 -14.20 -9.13 25.47
N LEU B 219 -14.42 -8.39 26.57
CA LEU B 219 -13.32 -7.97 27.42
C LEU B 219 -12.66 -9.16 28.12
N ASP B 220 -13.34 -10.30 28.21
CA ASP B 220 -12.72 -11.45 28.84
C ASP B 220 -11.79 -12.19 27.87
N LEU B 221 -12.12 -12.20 26.59
CA LEU B 221 -11.19 -12.77 25.62
C LEU B 221 -9.95 -11.90 25.48
N MET B 222 -10.14 -10.59 25.48
CA MET B 222 -9.06 -9.64 25.28
C MET B 222 -9.43 -8.35 26.02
N THR B 223 -8.64 -7.99 27.03
CA THR B 223 -8.86 -6.74 27.74
C THR B 223 -8.50 -5.56 26.85
N ASP B 224 -8.87 -4.36 27.31
CA ASP B 224 -8.57 -3.16 26.55
C ASP B 224 -7.07 -2.92 26.46
N ALA B 225 -6.33 -3.19 27.53
CA ALA B 225 -4.87 -3.09 27.44
C ALA B 225 -4.30 -4.09 26.46
N GLU B 226 -4.79 -5.33 26.47
CA GLU B 226 -4.30 -6.32 25.52
C GLU B 226 -4.68 -5.95 24.09
N LEU B 227 -5.88 -5.40 23.89
CA LEU B 227 -6.28 -4.97 22.55
C LEU B 227 -5.38 -3.86 22.04
N ALA B 228 -5.07 -2.89 22.90
CA ALA B 228 -4.16 -1.82 22.49
C ALA B 228 -2.77 -2.36 22.15
N ARG B 229 -2.28 -3.31 22.96
CA ARG B 229 -0.98 -3.92 22.67
C ARG B 229 -1.01 -4.64 21.33
N ALA B 230 -2.07 -5.39 21.06
CA ALA B 230 -2.14 -6.11 19.79
C ALA B 230 -2.31 -5.15 18.63
N VAL B 231 -3.15 -4.12 18.81
CA VAL B 231 -3.39 -3.15 17.71
C VAL B 231 -2.06 -2.51 17.32
N SER B 232 -1.24 -2.17 18.32
CA SER B 232 0.09 -1.55 18.06
C SER B 232 1.02 -2.53 17.34
N ASN B 233 0.97 -3.81 17.69
CA ASN B 233 1.86 -4.80 17.09
C ASN B 233 1.50 -5.15 15.65
N MET B 234 0.36 -4.70 15.15
CA MET B 234 -0.09 -5.07 13.83
C MET B 234 0.78 -4.41 12.76
N PRO B 235 1.13 -5.13 11.68
CA PRO B 235 1.85 -4.49 10.55
C PRO B 235 0.90 -3.72 9.65
N THR B 236 0.55 -2.53 10.11
CA THR B 236 -0.38 -1.67 9.36
C THR B 236 0.24 -0.28 9.25
N SER B 237 -0.58 0.75 9.16
CA SER B 237 -0.07 2.15 9.11
C SER B 237 -0.53 2.88 10.38
N ALA B 238 0.13 3.98 10.73
CA ALA B 238 -0.21 4.72 11.96
C ALA B 238 -1.68 5.17 11.89
N GLY B 239 -2.16 5.50 10.68
CA GLY B 239 -3.56 5.89 10.52
C GLY B 239 -4.51 4.75 10.87
N GLN B 240 -4.24 3.55 10.39
CA GLN B 240 -5.09 2.37 10.70
C GLN B 240 -5.12 2.22 12.22
N ILE B 241 -3.98 2.46 12.86
CA ILE B 241 -3.81 2.18 14.31
C ILE B 241 -4.68 3.16 15.10
N LYS B 242 -4.75 4.41 14.65
CA LYS B 242 -5.57 5.43 15.33
C LYS B 242 -7.06 5.13 15.11
N LEU B 243 -7.44 4.86 13.87
CA LEU B 243 -8.86 4.52 13.55
C LEU B 243 -9.28 3.31 14.37
N MET B 244 -8.37 2.37 14.62
CA MET B 244 -8.75 1.13 15.32
C MET B 244 -8.83 1.40 16.83
N LEU B 245 -7.94 2.22 17.36
CA LEU B 245 -7.91 2.47 18.82
C LEU B 245 -9.02 3.48 19.17
N GLU B 246 -9.49 4.26 18.20
CA GLU B 246 -10.60 5.21 18.42
C GLU B 246 -11.92 4.53 18.10
N ASN B 247 -11.86 3.26 17.67
CA ASN B 247 -13.09 2.52 17.29
C ASN B 247 -12.96 1.09 17.81
N ARG B 248 -12.56 0.94 19.06
CA ARG B 248 -12.30 -0.42 19.61
C ARG B 248 -13.59 -1.23 19.64
N ALA B 249 -14.71 -0.60 19.94
CA ALA B 249 -15.97 -1.35 20.06
C ALA B 249 -16.28 -1.91 18.69
N MET B 250 -16.03 -1.12 17.66
CA MET B 250 -16.23 -1.63 16.28
C MET B 250 -15.22 -2.75 16.01
N VAL B 251 -13.98 -2.60 16.47
CA VAL B 251 -13.01 -3.68 16.28
C VAL B 251 -13.50 -4.97 16.96
N ARG B 252 -14.01 -4.85 18.19
CA ARG B 252 -14.48 -6.05 18.89
C ARG B 252 -15.69 -6.68 18.21
N ARG B 253 -16.51 -5.89 17.53
CA ARG B 253 -17.64 -6.47 16.80
C ARG B 253 -17.21 -7.16 15.52
N LYS B 254 -16.19 -6.63 14.84
CA LYS B 254 -15.75 -7.22 13.58
C LYS B 254 -14.89 -8.46 13.80
N GLY B 255 -14.18 -8.54 14.91
CA GLY B 255 -13.37 -9.70 15.21
C GLY B 255 -14.14 -10.75 15.98
N PHE B 256 -13.45 -11.85 16.28
CA PHE B 256 -14.09 -12.96 17.00
C PHE B 256 -13.01 -13.88 17.54
N GLY B 257 -13.45 -14.88 18.30
CA GLY B 257 -12.53 -15.75 19.02
C GLY B 257 -12.80 -17.21 18.72
N ILE B 258 -11.74 -18.01 18.78
CA ILE B 258 -11.84 -19.44 18.50
C ILE B 258 -11.06 -20.20 19.57
N LEU B 259 -11.69 -21.22 20.12
CA LEU B 259 -11.05 -22.06 21.13
C LEU B 259 -10.09 -23.04 20.47
N ILE B 260 -8.84 -23.01 20.92
CA ILE B 260 -7.84 -23.99 20.37
C ILE B 260 -8.00 -25.29 21.13
N GLY B 261 -7.99 -25.20 22.46
CA GLY B 261 -8.20 -26.41 23.29
C GLY B 261 -7.70 -26.23 24.71
N VAL B 262 -7.90 -27.25 25.54
CA VAL B 262 -7.40 -27.21 26.94
C VAL B 262 -6.21 -28.16 27.03
N TYR B 263 -5.02 -27.61 27.26
CA TYR B 263 -3.80 -28.44 27.34
C TYR B 263 -3.33 -28.44 28.80
N GLY B 264 -3.87 -29.39 29.58
CA GLY B 264 -3.56 -29.42 31.02
C GLY B 264 -4.38 -28.41 31.79
N SER B 265 -3.73 -27.46 32.45
CA SER B 265 -4.44 -26.39 33.19
C SER B 265 -4.33 -25.10 32.37
N SER B 266 -3.93 -25.23 31.11
CA SER B 266 -3.73 -24.04 30.25
C SER B 266 -4.84 -23.97 29.20
N VAL B 267 -5.61 -22.87 29.20
CA VAL B 267 -6.65 -22.67 28.16
C VAL B 267 -6.02 -21.90 27.00
N ILE B 268 -6.01 -22.49 25.81
CA ILE B 268 -5.41 -21.83 24.62
C ILE B 268 -6.52 -21.44 23.65
N TYR B 269 -6.59 -20.15 23.31
CA TYR B 269 -7.61 -19.67 22.34
C TYR B 269 -6.99 -18.58 21.46
N MET B 270 -7.62 -18.30 20.33
CA MET B 270 -7.12 -17.29 19.43
C MET B 270 -8.18 -16.23 19.20
N VAL B 271 -7.73 -15.01 19.00
CA VAL B 271 -8.59 -13.89 18.65
C VAL B 271 -8.18 -13.39 17.28
N GLN B 272 -9.15 -13.27 16.39
CA GLN B 272 -8.96 -12.70 15.07
C GLN B 272 -9.33 -11.22 15.14
N LEU B 273 -8.34 -10.36 14.90
CA LEU B 273 -8.51 -8.91 14.80
C LEU B 273 -8.60 -8.51 13.34
N PRO B 274 -9.50 -7.59 13.00
CA PRO B 274 -9.67 -7.24 11.59
C PRO B 274 -8.52 -6.38 11.08
N ILE B 275 -8.16 -6.61 9.82
CA ILE B 275 -7.23 -5.75 9.09
C ILE B 275 -8.05 -4.99 8.05
N PHE B 276 -8.01 -3.66 8.12
CA PHE B 276 -8.79 -2.81 7.18
C PHE B 276 -7.87 -2.34 6.07
N GLY B 277 -7.70 -3.16 5.05
CA GLY B 277 -6.74 -2.85 3.99
C GLY B 277 -7.21 -1.81 2.99
N VAL B 278 -8.52 -1.65 2.84
CA VAL B 278 -9.09 -0.60 1.98
C VAL B 278 -9.68 0.46 2.89
N ILE B 279 -9.15 1.68 2.77
CA ILE B 279 -9.62 2.80 3.62
C ILE B 279 -9.63 4.13 2.87
N ASP B 280 -10.58 5.00 3.19
CA ASP B 280 -10.66 6.36 2.68
C ASP B 280 -11.23 6.44 1.28
N THR B 281 -11.87 5.40 0.84
CA THR B 281 -12.47 5.54 -0.48
C THR B 281 -13.90 6.02 -0.33
N PRO B 282 -14.49 6.61 -1.37
CA PRO B 282 -15.84 7.16 -1.23
C PRO B 282 -16.89 6.05 -1.14
N CYS B 283 -17.85 6.24 -0.23
CA CYS B 283 -18.99 5.35 -0.08
C CYS B 283 -20.28 6.16 -0.01
N TRP B 284 -21.39 5.53 -0.39
CA TRP B 284 -22.68 6.20 -0.34
C TRP B 284 -23.77 5.16 -0.06
N ILE B 285 -24.89 5.62 0.50
CA ILE B 285 -26.01 4.74 0.82
C ILE B 285 -27.24 5.21 0.05
N VAL B 286 -27.98 4.27 -0.52
CA VAL B 286 -29.22 4.53 -1.24
C VAL B 286 -30.37 3.99 -0.40
N LYS B 287 -31.37 4.83 -0.16
CA LYS B 287 -32.62 4.45 0.48
C LYS B 287 -33.77 4.76 -0.46
N ALA B 288 -34.84 3.98 -0.37
CA ALA B 288 -35.96 4.24 -1.26
C ALA B 288 -37.25 3.77 -0.62
N ALA B 289 -38.35 4.26 -1.16
CA ALA B 289 -39.69 3.97 -0.66
C ALA B 289 -40.61 3.88 -1.87
N PRO B 290 -41.79 3.28 -1.70
CA PRO B 290 -42.66 3.06 -2.88
C PRO B 290 -43.21 4.37 -3.41
N SER B 291 -43.14 4.54 -4.71
CA SER B 291 -43.63 5.72 -5.41
C SER B 291 -44.82 5.30 -6.27
N CYS B 292 -46.03 5.70 -5.86
CA CYS B 292 -47.26 5.23 -6.50
C CYS B 292 -48.10 6.39 -7.02
N SER B 293 -48.62 6.21 -8.21
CA SER B 293 -49.68 7.05 -8.74
C SER B 293 -51.02 6.31 -8.60
N GLU B 294 -52.10 7.08 -8.60
CA GLU B 294 -53.42 6.54 -8.28
C GLU B 294 -54.46 7.17 -9.19
N LYS B 295 -55.38 6.35 -9.66
CA LYS B 295 -56.52 6.81 -10.48
C LYS B 295 -57.74 6.02 -10.00
N LYS B 296 -58.51 6.64 -9.10
CA LYS B 296 -59.79 6.09 -8.62
C LYS B 296 -59.62 4.69 -8.02
N GLY B 297 -58.79 4.62 -6.97
CA GLY B 297 -58.59 3.38 -6.25
C GLY B 297 -57.59 2.43 -6.86
N ASN B 298 -57.28 2.56 -8.13
CA ASN B 298 -56.27 1.73 -8.79
C ASN B 298 -54.91 2.40 -8.66
N TYR B 299 -53.90 1.62 -8.29
CA TYR B 299 -52.56 2.13 -8.04
C TYR B 299 -51.56 1.57 -9.04
N ALA B 300 -50.50 2.33 -9.28
CA ALA B 300 -49.37 1.88 -10.11
C ALA B 300 -48.09 2.30 -9.40
N CYS B 301 -47.32 1.33 -8.94
CA CYS B 301 -46.26 1.59 -7.98
C CYS B 301 -44.89 1.23 -8.53
N LEU B 302 -43.89 1.93 -8.02
CA LEU B 302 -42.51 1.79 -8.42
C LEU B 302 -41.67 1.82 -7.15
N LEU B 303 -40.70 0.92 -7.06
CA LEU B 303 -39.80 0.86 -5.91
C LEU B 303 -38.41 0.51 -6.40
N ARG B 304 -37.43 1.34 -6.05
CA ARG B 304 -36.03 1.04 -6.42
C ARG B 304 -35.56 -0.19 -5.62
N GLU B 305 -34.92 -1.14 -6.29
CA GLU B 305 -34.48 -2.40 -5.65
C GLU B 305 -32.95 -2.41 -5.50
N ASP B 306 -32.33 -1.23 -5.54
CA ASP B 306 -30.86 -1.13 -5.41
C ASP B 306 -30.50 -0.38 -4.12
N GLN B 307 -31.31 -0.53 -3.07
CA GLN B 307 -31.01 0.17 -1.83
C GLN B 307 -29.84 -0.48 -1.11
N GLY B 308 -29.13 0.32 -0.32
CA GLY B 308 -28.09 -0.15 0.55
C GLY B 308 -26.79 0.61 0.33
N TRP B 309 -25.70 0.01 0.79
CA TRP B 309 -24.38 0.64 0.81
C TRP B 309 -23.58 0.34 -0.45
N TYR B 310 -22.84 1.34 -0.92
CA TYR B 310 -21.94 1.23 -2.06
C TYR B 310 -20.61 1.84 -1.66
N CYS B 311 -19.52 1.15 -2.01
CA CYS B 311 -18.18 1.58 -1.66
C CYS B 311 -17.26 1.33 -2.84
N GLN B 312 -16.43 2.32 -3.15
CA GLN B 312 -15.41 2.14 -4.18
C GLN B 312 -14.28 1.26 -3.64
N ASN B 313 -13.87 0.28 -4.44
CA ASN B 313 -12.81 -0.63 -4.02
C ASN B 313 -11.99 -0.99 -5.27
N ALA B 314 -10.94 -0.22 -5.51
CA ALA B 314 -9.90 -0.52 -6.50
C ALA B 314 -10.50 -0.80 -7.87
N GLY B 315 -11.04 0.27 -8.47
CA GLY B 315 -11.61 0.12 -9.80
C GLY B 315 -12.87 -0.72 -9.85
N SER B 316 -13.45 -1.07 -8.71
CA SER B 316 -14.74 -1.73 -8.66
C SER B 316 -15.63 -1.02 -7.65
N THR B 317 -16.91 -0.95 -7.94
CA THR B 317 -17.91 -0.52 -6.97
C THR B 317 -18.47 -1.75 -6.29
N VAL B 318 -18.43 -1.76 -4.95
CA VAL B 318 -18.91 -2.87 -4.15
C VAL B 318 -20.26 -2.49 -3.53
N TYR B 319 -21.22 -3.41 -3.62
CA TYR B 319 -22.59 -3.19 -3.21
C TYR B 319 -22.95 -4.14 -2.07
N TYR B 320 -23.54 -3.60 -1.01
CA TYR B 320 -24.00 -4.38 0.14
C TYR B 320 -25.51 -4.25 0.30
N PRO B 321 -26.29 -5.25 -0.13
CA PRO B 321 -27.76 -5.10 -0.07
C PRO B 321 -28.31 -5.08 1.34
N ASN B 322 -27.63 -5.68 2.31
CA ASN B 322 -28.05 -5.68 3.70
C ASN B 322 -27.37 -4.53 4.44
N GLU B 323 -28.14 -3.54 4.87
CA GLU B 323 -27.56 -2.43 5.63
C GLU B 323 -26.95 -2.89 6.93
N LYS B 324 -27.25 -4.12 7.36
CA LYS B 324 -26.59 -4.71 8.52
C LYS B 324 -25.14 -5.09 8.26
N ASP B 325 -24.74 -5.22 6.99
CA ASP B 325 -23.38 -5.58 6.65
C ASP B 325 -22.40 -4.42 6.81
N CYS B 326 -22.90 -3.21 7.04
CA CYS B 326 -22.03 -2.05 7.22
C CYS B 326 -22.51 -1.28 8.43
N GLU B 327 -21.56 -0.78 9.22
CA GLU B 327 -21.89 0.03 10.42
C GLU B 327 -21.20 1.39 10.25
N THR B 328 -21.83 2.43 10.74
CA THR B 328 -21.29 3.80 10.53
C THR B 328 -20.79 4.40 11.83
N ARG B 329 -19.70 5.15 11.75
CA ARG B 329 -19.19 5.92 12.90
C ARG B 329 -18.74 7.25 12.30
N GLY B 330 -19.61 8.26 12.35
CA GLY B 330 -19.31 9.54 11.70
C GLY B 330 -19.31 9.39 10.19
N ASP B 331 -18.27 9.87 9.54
CA ASP B 331 -18.15 9.74 8.06
C ASP B 331 -17.62 8.36 7.69
N HIS B 332 -17.20 7.57 8.66
CA HIS B 332 -16.57 6.25 8.37
C HIS B 332 -17.60 5.12 8.33
N VAL B 333 -17.58 4.31 7.27
CA VAL B 333 -18.45 3.16 7.16
C VAL B 333 -17.58 1.91 7.11
N PHE B 334 -17.85 1.01 8.06
CA PHE B 334 -17.08 -0.24 8.21
C PHE B 334 -17.84 -1.39 7.59
N CYS B 335 -17.23 -2.08 6.64
CA CYS B 335 -17.85 -3.18 5.93
C CYS B 335 -16.84 -4.31 5.78
N ASP B 336 -17.33 -5.46 5.33
CA ASP B 336 -16.52 -6.64 5.11
C ASP B 336 -16.43 -6.93 3.61
N THR B 337 -15.22 -6.87 3.05
CA THR B 337 -15.01 -7.14 1.64
C THR B 337 -15.56 -8.50 1.21
N ALA B 338 -15.73 -9.45 2.15
CA ALA B 338 -16.26 -10.76 1.78
C ALA B 338 -17.77 -10.76 1.58
N ALA B 339 -18.48 -9.72 2.04
CA ALA B 339 -19.94 -9.67 1.92
C ALA B 339 -20.41 -8.83 0.74
N GLY B 340 -19.50 -8.34 -0.10
CA GLY B 340 -19.90 -7.42 -1.14
C GLY B 340 -20.27 -8.10 -2.46
N ILE B 341 -20.83 -7.30 -3.34
CA ILE B 341 -21.20 -7.68 -4.71
C ILE B 341 -20.66 -6.60 -5.64
N ASN B 342 -19.98 -7.02 -6.70
CA ASN B 342 -19.41 -6.08 -7.65
C ASN B 342 -20.48 -5.60 -8.61
N VAL B 343 -20.53 -4.29 -8.85
CA VAL B 343 -21.49 -3.69 -9.77
C VAL B 343 -20.75 -2.72 -10.68
N ALA B 344 -21.34 -2.48 -11.85
CA ALA B 344 -20.73 -1.57 -12.80
C ALA B 344 -20.83 -0.13 -12.30
N GLU B 345 -19.82 0.67 -12.63
CA GLU B 345 -19.80 2.05 -12.16
C GLU B 345 -20.93 2.88 -12.75
N GLN B 346 -21.51 2.45 -13.87
CA GLN B 346 -22.64 3.15 -14.45
C GLN B 346 -23.92 2.97 -13.63
N SER B 347 -23.95 2.01 -12.70
CA SER B 347 -25.11 1.84 -11.85
C SER B 347 -25.40 3.10 -11.04
N LYS B 348 -24.40 3.96 -10.83
CA LYS B 348 -24.62 5.15 -9.99
C LYS B 348 -25.53 6.13 -10.72
N GLU B 349 -25.74 5.93 -12.01
CA GLU B 349 -26.51 6.91 -12.84
C GLU B 349 -27.99 6.70 -12.57
N CYS B 350 -28.35 5.64 -11.87
CA CYS B 350 -29.76 5.43 -11.46
C CYS B 350 -30.12 6.47 -10.40
N ASN B 351 -29.11 7.16 -9.86
CA ASN B 351 -29.34 8.16 -8.79
C ASN B 351 -29.46 9.55 -9.42
N ILE B 352 -29.36 9.63 -10.74
CA ILE B 352 -29.42 10.94 -11.45
C ILE B 352 -30.61 10.89 -12.41
N ASN B 353 -30.74 9.77 -13.12
CA ASN B 353 -31.87 9.59 -14.08
C ASN B 353 -32.23 8.11 -14.14
N ILE B 354 -33.13 7.65 -13.29
CA ILE B 354 -33.50 6.21 -13.22
C ILE B 354 -33.92 5.73 -14.62
N SER B 355 -34.33 6.65 -15.47
CA SER B 355 -34.82 6.26 -16.81
C SER B 355 -33.67 6.38 -17.82
N THR B 356 -32.43 6.35 -17.34
CA THR B 356 -31.25 6.42 -18.24
C THR B 356 -31.23 5.19 -19.15
N THR B 357 -30.62 5.33 -20.32
CA THR B 357 -30.56 4.21 -21.29
C THR B 357 -29.19 3.54 -21.16
N ASN B 358 -28.32 4.05 -20.29
CA ASN B 358 -26.96 3.56 -20.15
C ASN B 358 -26.80 2.48 -19.11
N TYR B 359 -27.86 2.16 -18.36
CA TYR B 359 -27.79 1.10 -17.36
C TYR B 359 -29.21 0.63 -17.06
N PRO B 360 -29.43 -0.67 -16.90
CA PRO B 360 -30.77 -1.21 -16.54
C PRO B 360 -31.06 -1.09 -15.04
N CYS B 361 -31.46 0.12 -14.65
CA CYS B 361 -31.76 0.39 -13.22
C CYS B 361 -32.84 -0.59 -12.74
N LYS B 362 -32.57 -1.32 -11.66
CA LYS B 362 -33.51 -2.37 -11.20
C LYS B 362 -34.62 -1.76 -10.34
N VAL B 363 -35.87 -2.06 -10.68
CA VAL B 363 -37.04 -1.54 -9.93
C VAL B 363 -38.06 -2.66 -9.73
N SER B 364 -38.97 -2.51 -8.77
CA SER B 364 -40.07 -3.49 -8.58
C SER B 364 -41.38 -2.73 -8.78
N CYS B 365 -42.24 -3.22 -9.68
CA CYS B 365 -43.51 -2.52 -10.00
C CYS B 365 -44.70 -3.37 -9.57
N GLY B 366 -45.87 -2.75 -9.44
CA GLY B 366 -47.04 -3.48 -8.99
C GLY B 366 -48.21 -2.54 -8.79
N ARG B 367 -49.37 -3.15 -8.57
CA ARG B 367 -50.61 -2.41 -8.34
C ARG B 367 -50.99 -2.37 -6.86
N ASN B 368 -50.07 -2.71 -5.98
CA ASN B 368 -50.34 -2.78 -4.54
C ASN B 368 -49.48 -1.78 -3.80
N PRO B 369 -50.03 -0.65 -3.36
CA PRO B 369 -49.20 0.33 -2.66
C PRO B 369 -48.87 -0.14 -1.25
N ILE B 370 -47.70 0.26 -0.78
CA ILE B 370 -47.22 -0.04 0.56
C ILE B 370 -46.88 1.28 1.23
N SER B 371 -47.52 1.57 2.35
CA SER B 371 -47.16 2.74 3.13
C SER B 371 -46.09 2.37 4.13
N MET B 372 -45.05 3.20 4.22
CA MET B 372 -43.91 2.90 5.08
C MET B 372 -43.05 4.14 5.20
N VAL B 373 -42.08 4.06 6.11
CA VAL B 373 -41.09 5.11 6.32
C VAL B 373 -39.72 4.49 6.12
N ALA B 374 -38.91 5.09 5.27
CA ALA B 374 -37.52 4.69 5.09
C ALA B 374 -36.63 5.80 5.65
N LEU B 375 -36.04 5.55 6.81
CA LEU B 375 -35.12 6.50 7.40
C LEU B 375 -33.84 6.56 6.57
N SER B 376 -33.38 7.77 6.27
CA SER B 376 -32.11 8.03 5.64
C SER B 376 -31.19 8.68 6.66
N PRO B 377 -29.88 8.79 6.38
CA PRO B 377 -29.00 9.40 7.40
C PRO B 377 -29.39 10.80 7.82
N LEU B 378 -29.89 11.62 6.90
CA LEU B 378 -30.18 13.03 7.24
C LEU B 378 -31.69 13.32 7.17
N GLY B 379 -32.53 12.28 7.13
CA GLY B 379 -33.95 12.49 7.01
C GLY B 379 -34.80 11.23 6.94
N ALA B 380 -35.85 11.26 6.13
CA ALA B 380 -36.78 10.16 6.01
C ALA B 380 -37.56 10.31 4.72
N LEU B 381 -37.75 9.21 4.01
CA LEU B 381 -38.74 9.12 2.96
C LEU B 381 -40.02 8.57 3.56
N VAL B 382 -41.14 9.20 3.24
CA VAL B 382 -42.45 8.79 3.74
C VAL B 382 -43.33 8.51 2.54
N ALA B 383 -43.91 7.33 2.49
CA ALA B 383 -44.81 6.93 1.42
C ALA B 383 -46.17 6.69 2.05
N CYS B 384 -47.13 7.56 1.72
CA CYS B 384 -48.45 7.58 2.34
C CYS B 384 -49.50 7.28 1.28
N TYR B 385 -50.16 6.14 1.40
CA TYR B 385 -51.17 5.76 0.41
C TYR B 385 -52.41 5.20 1.10
N LYS B 386 -53.45 5.01 0.28
CA LYS B 386 -54.68 4.30 0.67
C LYS B 386 -55.20 4.86 2.00
N GLY B 387 -55.51 4.03 2.98
CA GLY B 387 -56.12 4.49 4.21
C GLY B 387 -55.19 4.44 5.41
N VAL B 388 -54.11 5.22 5.35
CA VAL B 388 -53.25 5.45 6.50
C VAL B 388 -53.13 6.95 6.71
N SER B 389 -52.85 7.33 7.96
CA SER B 389 -52.62 8.72 8.32
C SER B 389 -51.13 8.93 8.59
N CYS B 390 -50.55 9.95 7.96
CA CYS B 390 -49.13 10.27 8.07
C CYS B 390 -48.93 11.71 8.51
N SER B 391 -48.02 11.90 9.46
CA SER B 391 -47.75 13.24 9.96
C SER B 391 -46.29 13.30 10.41
N ILE B 392 -45.79 14.52 10.52
CA ILE B 392 -44.47 14.75 11.07
C ILE B 392 -44.65 15.56 12.36
N GLY B 393 -43.84 15.26 13.36
CA GLY B 393 -44.02 15.83 14.67
C GLY B 393 -42.72 16.36 15.23
N SER B 394 -42.88 17.24 16.22
CA SER B 394 -41.79 17.82 16.98
C SER B 394 -41.87 17.36 18.43
N ASN B 395 -40.68 17.20 19.03
CA ASN B 395 -40.54 16.74 20.40
C ASN B 395 -40.99 17.77 21.43
N ARG B 396 -41.23 19.02 21.02
CA ARG B 396 -41.73 20.04 21.92
C ARG B 396 -43.05 20.65 21.50
N VAL B 397 -43.38 20.59 20.20
CA VAL B 397 -44.61 21.18 19.69
C VAL B 397 -45.68 20.14 19.38
N GLY B 398 -45.30 18.90 19.10
CA GLY B 398 -46.30 17.92 18.70
C GLY B 398 -46.48 17.87 17.20
N ILE B 399 -47.72 17.71 16.75
CA ILE B 399 -47.97 17.52 15.32
C ILE B 399 -47.61 18.80 14.58
N ILE B 400 -46.68 18.68 13.63
CA ILE B 400 -46.32 19.84 12.83
C ILE B 400 -47.27 20.01 11.66
N LYS B 401 -47.50 18.94 10.91
CA LYS B 401 -48.48 18.98 9.83
C LYS B 401 -48.88 17.58 9.46
N GLN B 402 -49.98 17.47 8.74
CA GLN B 402 -50.33 16.22 8.08
C GLN B 402 -49.61 16.15 6.75
N LEU B 403 -49.19 14.95 6.37
CA LEU B 403 -48.51 14.76 5.10
C LEU B 403 -49.54 14.44 4.02
N ASN B 404 -49.25 14.87 2.79
CA ASN B 404 -50.10 14.57 1.66
C ASN B 404 -49.88 13.12 1.21
N LYS B 405 -50.80 12.63 0.39
CA LYS B 405 -50.63 11.30 -0.17
C LYS B 405 -49.42 11.28 -1.12
N GLY B 406 -48.85 10.10 -1.28
CA GLY B 406 -47.71 9.92 -2.14
C GLY B 406 -46.40 9.93 -1.37
N CYS B 407 -45.32 10.30 -2.03
CA CYS B 407 -44.00 10.29 -1.42
C CYS B 407 -43.62 11.70 -1.00
N SER B 408 -43.13 11.84 0.23
CA SER B 408 -42.63 13.10 0.77
C SER B 408 -41.26 12.85 1.36
N TYR B 409 -40.39 13.84 1.22
CA TYR B 409 -39.05 13.75 1.86
C TYR B 409 -39.02 14.71 3.05
N ILE B 410 -38.69 14.18 4.23
CA ILE B 410 -38.60 14.98 5.45
C ILE B 410 -37.15 15.05 5.88
N THR B 411 -36.64 16.26 6.11
CA THR B 411 -35.26 16.42 6.64
C THR B 411 -35.31 16.34 8.17
N ASN B 412 -34.18 16.04 8.79
CA ASN B 412 -34.12 15.88 10.27
C ASN B 412 -34.11 17.26 10.95
N GLN B 413 -34.18 18.33 10.15
CA GLN B 413 -34.20 19.70 10.71
C GLN B 413 -35.64 20.23 10.68
N ASP B 414 -36.50 19.63 9.86
CA ASP B 414 -37.90 20.05 9.82
C ASP B 414 -38.76 19.32 10.84
N ALA B 415 -38.31 18.17 11.34
CA ALA B 415 -39.15 17.40 12.24
C ALA B 415 -38.26 16.51 13.10
N ASP B 416 -38.82 16.06 14.22
CA ASP B 416 -38.14 15.05 15.03
C ASP B 416 -38.69 13.65 14.82
N THR B 417 -39.94 13.53 14.38
CA THR B 417 -40.60 12.24 14.25
C THR B 417 -41.45 12.21 13.00
N VAL B 418 -41.70 10.99 12.53
CA VAL B 418 -42.71 10.72 11.54
C VAL B 418 -43.60 9.63 12.11
N THR B 419 -44.89 9.75 11.90
CA THR B 419 -45.86 8.80 12.41
C THR B 419 -46.70 8.29 11.25
N ILE B 420 -46.80 6.97 11.14
CA ILE B 420 -47.74 6.34 10.25
C ILE B 420 -48.69 5.55 11.14
N ASP B 421 -49.97 5.93 11.11
CA ASP B 421 -50.98 5.39 12.00
C ASP B 421 -50.52 5.52 13.45
N ASN B 422 -50.21 4.41 14.10
CA ASN B 422 -49.70 4.46 15.47
C ASN B 422 -48.21 4.24 15.57
N THR B 423 -47.51 4.05 14.45
CA THR B 423 -46.08 3.77 14.50
C THR B 423 -45.30 5.08 14.39
N VAL B 424 -44.47 5.34 15.39
CA VAL B 424 -43.67 6.56 15.46
C VAL B 424 -42.23 6.21 15.17
N TYR B 425 -41.64 6.92 14.20
CA TYR B 425 -40.25 6.76 13.80
C TYR B 425 -39.46 7.98 14.25
N GLN B 426 -38.34 7.76 14.94
CA GLN B 426 -37.50 8.85 15.41
C GLN B 426 -36.46 9.20 14.34
N LEU B 427 -36.39 10.47 13.98
CA LEU B 427 -35.38 10.90 13.01
C LEU B 427 -34.04 11.10 13.69
N SER B 428 -32.97 11.01 12.91
CA SER B 428 -31.64 11.21 13.47
C SER B 428 -31.35 12.70 13.67
N LYS B 429 -30.24 12.99 14.36
CA LYS B 429 -29.79 14.36 14.57
C LYS B 429 -28.47 14.65 13.83
N VAL B 430 -28.12 13.84 12.84
CA VAL B 430 -26.87 14.06 12.11
C VAL B 430 -26.99 15.31 11.24
N GLU B 431 -25.94 16.13 11.24
CA GLU B 431 -25.92 17.35 10.44
C GLU B 431 -25.28 17.08 9.08
N GLY B 432 -25.73 17.84 8.08
CA GLY B 432 -25.15 17.69 6.74
C GLY B 432 -25.82 18.58 5.72
N GLU B 433 -25.41 18.48 4.46
CA GLU B 433 -26.06 19.27 3.38
C GLU B 433 -27.25 18.48 2.85
N GLN B 434 -28.38 19.14 2.66
CA GLN B 434 -29.54 18.46 2.04
C GLN B 434 -29.76 19.07 0.66
N HIS B 435 -30.06 18.23 -0.32
CA HIS B 435 -30.29 18.72 -1.70
C HIS B 435 -31.48 17.97 -2.28
N VAL B 436 -32.13 18.55 -3.27
CA VAL B 436 -33.21 17.86 -3.96
C VAL B 436 -32.90 17.90 -5.45
N ILE B 437 -33.16 16.79 -6.13
CA ILE B 437 -33.11 16.74 -7.60
C ILE B 437 -34.57 16.68 -8.03
N LYS B 438 -35.12 17.84 -8.38
CA LYS B 438 -36.54 17.91 -8.70
C LYS B 438 -36.82 17.12 -9.97
N GLY B 439 -38.08 16.73 -10.12
CA GLY B 439 -38.48 15.93 -11.26
C GLY B 439 -39.78 15.22 -11.02
N ARG B 440 -40.62 15.16 -12.05
CA ARG B 440 -41.88 14.46 -11.93
C ARG B 440 -41.62 12.98 -11.62
N PRO B 441 -42.32 12.41 -10.65
CA PRO B 441 -42.11 10.98 -10.36
C PRO B 441 -42.41 10.14 -11.58
N VAL B 442 -41.49 9.22 -11.88
CA VAL B 442 -41.67 8.36 -13.04
C VAL B 442 -42.99 7.60 -12.96
N SER B 443 -43.42 7.22 -11.75
CA SER B 443 -44.66 6.46 -11.61
C SER B 443 -45.89 7.26 -12.02
N SER B 444 -45.79 8.59 -12.13
CA SER B 444 -46.90 9.39 -12.62
C SER B 444 -47.19 9.15 -14.10
N SER B 445 -46.23 8.59 -14.84
CA SER B 445 -46.47 8.25 -16.24
C SER B 445 -47.17 6.91 -16.41
N PHE B 446 -47.14 6.07 -15.38
CA PHE B 446 -47.83 4.76 -15.44
C PHE B 446 -49.34 5.00 -15.48
N ASP B 447 -50.09 4.10 -16.11
CA ASP B 447 -51.57 4.21 -16.07
C ASP B 447 -52.08 3.17 -15.08
N PRO B 448 -52.48 3.57 -13.85
CA PRO B 448 -52.92 2.62 -12.84
C PRO B 448 -54.03 1.80 -13.50
N VAL B 449 -54.98 2.49 -14.14
CA VAL B 449 -56.06 1.77 -14.86
C VAL B 449 -55.38 0.76 -15.78
N LYS B 450 -55.68 -0.52 -15.61
CA LYS B 450 -55.01 -1.57 -16.41
C LYS B 450 -53.49 -1.43 -16.26
N PHE B 451 -52.95 -1.61 -15.05
CA PHE B 451 -51.47 -1.61 -14.89
C PHE B 451 -51.03 -3.07 -14.72
N PRO B 452 -49.92 -3.50 -15.32
CA PRO B 452 -49.52 -4.91 -15.28
C PRO B 452 -49.39 -5.47 -13.85
N GLU B 453 -49.32 -6.79 -13.74
CA GLU B 453 -49.20 -7.44 -12.40
C GLU B 453 -47.85 -7.06 -11.77
N ASP B 454 -47.58 -7.55 -10.57
CA ASP B 454 -46.35 -7.13 -9.85
C ASP B 454 -45.10 -7.73 -10.49
N GLN B 455 -44.26 -6.90 -11.09
CA GLN B 455 -42.98 -7.38 -11.67
C GLN B 455 -41.88 -7.07 -10.65
N PHE B 456 -41.17 -8.09 -10.16
CA PHE B 456 -40.14 -7.87 -9.12
C PHE B 456 -38.74 -7.96 -9.71
N ASN B 457 -37.89 -6.96 -9.42
CA ASN B 457 -36.47 -6.95 -9.91
C ASN B 457 -36.45 -6.93 -11.44
N VAL B 458 -36.90 -5.83 -12.03
CA VAL B 458 -36.96 -5.71 -13.52
C VAL B 458 -36.40 -4.35 -13.94
N ALA B 459 -36.28 -4.13 -15.25
CA ALA B 459 -35.80 -2.81 -15.74
C ALA B 459 -36.97 -1.85 -15.84
N LEU B 460 -36.69 -0.55 -15.76
CA LEU B 460 -37.76 0.43 -15.77
C LEU B 460 -38.58 0.38 -17.05
N ASP B 461 -37.97 -0.04 -18.17
CA ASP B 461 -38.73 -0.14 -19.42
C ASP B 461 -39.72 -1.30 -19.39
N GLN B 462 -39.39 -2.39 -18.69
CA GLN B 462 -40.29 -3.53 -18.60
C GLN B 462 -41.54 -3.21 -17.78
N CYS B 463 -41.54 -2.13 -17.02
CA CYS B 463 -42.69 -1.80 -16.20
C CYS B 463 -43.78 -1.07 -16.99
N PHE B 464 -43.36 -0.29 -17.97
CA PHE B 464 -44.34 0.44 -18.81
C PHE B 464 -45.16 -0.60 -19.58
N GLU B 465 -44.50 -1.59 -20.18
CA GLU B 465 -45.22 -2.71 -20.86
C GLU B 465 -44.19 -3.58 -21.59
N SER C 2 16.30 -0.06 9.97
CA SER C 2 17.36 0.60 9.23
C SER C 2 17.07 0.59 7.72
N VAL C 3 18.13 0.55 6.89
CA VAL C 3 17.97 0.53 5.44
C VAL C 3 17.96 -0.93 4.97
N VAL C 4 17.20 -1.18 3.91
CA VAL C 4 17.07 -2.50 3.30
C VAL C 4 18.17 -2.66 2.26
N THR C 5 19.04 -3.65 2.44
CA THR C 5 20.21 -3.75 1.58
C THR C 5 20.09 -4.92 0.61
N GLN C 6 20.64 -4.71 -0.58
CA GLN C 6 20.75 -5.71 -1.61
C GLN C 6 22.20 -5.78 -2.07
N PRO C 7 22.64 -6.90 -2.63
CA PRO C 7 23.96 -6.94 -3.27
C PRO C 7 24.00 -6.01 -4.46
N PRO C 8 25.09 -5.27 -4.63
CA PRO C 8 25.14 -4.32 -5.77
C PRO C 8 25.01 -4.99 -7.12
N SER C 9 25.60 -6.17 -7.32
CA SER C 9 25.61 -6.81 -8.63
C SER C 9 25.43 -8.31 -8.49
N VAL C 10 24.74 -8.89 -9.46
CA VAL C 10 24.61 -10.33 -9.60
C VAL C 10 24.81 -10.63 -11.07
N SER C 11 25.43 -11.76 -11.39
CA SER C 11 25.62 -12.11 -12.79
C SER C 11 25.50 -13.61 -12.98
N GLY C 12 25.15 -14.00 -14.20
CA GLY C 12 25.03 -15.41 -14.52
C GLY C 12 24.99 -15.57 -16.02
N ALA C 13 25.20 -16.81 -16.44
CA ALA C 13 25.13 -17.14 -17.85
C ALA C 13 23.68 -17.26 -18.29
N PRO C 14 23.41 -17.13 -19.59
CA PRO C 14 22.06 -17.43 -20.10
C PRO C 14 21.68 -18.86 -19.75
N GLY C 15 20.52 -19.00 -19.11
CA GLY C 15 20.08 -20.31 -18.65
C GLY C 15 20.47 -20.66 -17.24
N GLN C 16 21.18 -19.77 -16.55
CA GLN C 16 21.56 -20.00 -15.17
C GLN C 16 20.50 -19.47 -14.23
N ARG C 17 20.45 -20.04 -13.04
CA ARG C 17 19.58 -19.54 -11.98
C ARG C 17 20.40 -18.61 -11.10
N VAL C 18 19.90 -17.39 -10.88
CA VAL C 18 20.59 -16.47 -9.98
C VAL C 18 19.59 -16.01 -8.94
N THR C 19 20.10 -15.62 -7.77
CA THR C 19 19.28 -15.14 -6.69
C THR C 19 19.75 -13.76 -6.26
N ILE C 20 18.79 -12.98 -5.78
CA ILE C 20 19.00 -11.63 -5.30
C ILE C 20 18.46 -11.58 -3.88
N SER C 21 19.32 -11.27 -2.92
CA SER C 21 18.83 -11.22 -1.56
C SER C 21 18.33 -9.80 -1.22
N CYS C 22 17.51 -9.75 -0.19
CA CYS C 22 16.93 -8.50 0.30
C CYS C 22 16.97 -8.60 1.81
N THR C 23 17.89 -7.87 2.44
CA THR C 23 18.12 -7.99 3.87
C THR C 23 17.42 -6.84 4.59
N GLY C 24 16.36 -7.15 5.31
CA GLY C 24 15.63 -6.18 6.11
C GLY C 24 16.01 -6.22 7.57
N SER C 25 15.06 -5.88 8.43
CA SER C 25 15.32 -5.76 9.85
C SER C 25 14.01 -5.93 10.62
N SER C 26 14.08 -5.74 11.94
CA SER C 26 12.92 -5.95 12.79
C SER C 26 11.84 -4.90 12.57
N SER C 27 12.19 -3.71 12.08
CA SER C 27 11.19 -2.67 11.89
C SER C 27 10.44 -2.78 10.56
N ASN C 28 10.84 -3.70 9.69
CA ASN C 28 10.18 -3.83 8.37
C ASN C 28 9.74 -5.29 8.14
N ILE C 29 10.56 -6.09 7.46
CA ILE C 29 10.20 -7.51 7.17
C ILE C 29 10.03 -8.25 8.51
N GLY C 30 10.91 -7.99 9.47
CA GLY C 30 10.80 -8.61 10.80
C GLY C 30 9.57 -8.13 11.55
N ALA C 31 8.99 -7.01 11.13
CA ALA C 31 7.76 -6.55 11.77
C ALA C 31 6.50 -7.17 11.17
N GLY C 32 6.63 -8.05 10.18
CA GLY C 32 5.47 -8.74 9.60
C GLY C 32 5.03 -8.14 8.28
N TYR C 33 5.75 -7.13 7.79
CA TYR C 33 5.41 -6.50 6.48
C TYR C 33 5.87 -7.41 5.34
N ASP C 34 5.20 -7.32 4.20
CA ASP C 34 5.50 -8.19 3.05
C ASP C 34 6.55 -7.56 2.15
N VAL C 35 7.01 -8.29 1.13
CA VAL C 35 8.08 -7.77 0.25
C VAL C 35 7.61 -7.80 -1.20
N HIS C 36 7.83 -6.69 -1.91
CA HIS C 36 7.49 -6.62 -3.36
C HIS C 36 8.79 -6.43 -4.13
N TRP C 37 8.77 -6.68 -5.44
CA TRP C 37 9.96 -6.54 -6.27
C TRP C 37 9.60 -5.80 -7.55
N TYR C 38 10.54 -4.99 -8.03
CA TYR C 38 10.40 -4.25 -9.28
C TYR C 38 11.61 -4.52 -10.17
N GLN C 39 11.37 -4.50 -11.47
CA GLN C 39 12.43 -4.60 -12.48
C GLN C 39 12.47 -3.28 -13.24
N GLN C 40 13.66 -2.70 -13.39
CA GLN C 40 13.79 -1.42 -14.09
C GLN C 40 14.84 -1.56 -15.19
N LEU C 41 14.38 -1.47 -16.43
CA LEU C 41 15.30 -1.36 -17.55
C LEU C 41 15.86 0.05 -17.63
N PRO C 42 17.09 0.21 -18.15
CA PRO C 42 17.71 1.54 -18.20
C PRO C 42 16.88 2.50 -19.04
N GLY C 43 16.60 3.68 -18.47
CA GLY C 43 15.80 4.69 -19.14
C GLY C 43 14.31 4.61 -18.90
N THR C 44 13.81 3.59 -18.21
CA THR C 44 12.38 3.40 -18.09
C THR C 44 11.94 3.44 -16.63
N ALA C 45 10.64 3.53 -16.43
CA ALA C 45 10.08 3.48 -15.09
C ALA C 45 10.17 2.06 -14.57
N PRO C 46 10.33 1.90 -13.26
CA PRO C 46 10.25 0.57 -12.65
C PRO C 46 8.93 -0.09 -13.00
N LYS C 47 8.99 -1.42 -13.15
CA LYS C 47 7.82 -2.23 -13.44
C LYS C 47 7.59 -3.21 -12.30
N LEU C 48 6.34 -3.36 -11.86
CA LEU C 48 6.02 -4.33 -10.83
C LEU C 48 6.35 -5.74 -11.31
N LEU C 49 7.15 -6.47 -10.53
CA LEU C 49 7.59 -7.82 -10.91
C LEU C 49 7.02 -8.90 -10.00
N ILE C 50 7.01 -8.64 -8.70
CA ILE C 50 6.47 -9.54 -7.69
C ILE C 50 5.70 -8.68 -6.68
N TYR C 51 4.51 -9.14 -6.26
CA TYR C 51 3.80 -8.50 -5.16
C TYR C 51 3.40 -9.53 -4.13
N ASP C 52 3.37 -9.10 -2.87
CA ASP C 52 3.00 -9.92 -1.72
C ASP C 52 3.88 -11.17 -1.63
N ASN C 53 5.19 -10.94 -1.66
CA ASN C 53 6.23 -11.95 -1.42
C ASN C 53 6.50 -12.88 -2.60
N ASN C 54 5.44 -13.34 -3.30
CA ASN C 54 5.69 -14.42 -4.25
C ASN C 54 4.68 -14.50 -5.38
N ASN C 55 3.85 -13.48 -5.58
CA ASN C 55 2.90 -13.48 -6.69
C ASN C 55 3.43 -12.66 -7.86
N ARG C 56 3.23 -13.19 -9.05
CA ARG C 56 3.60 -12.54 -10.30
C ARG C 56 2.38 -11.85 -10.89
N PRO C 57 2.48 -10.57 -11.25
CA PRO C 57 1.46 -9.96 -12.10
C PRO C 57 1.31 -10.70 -13.42
N SER C 58 0.27 -10.30 -14.16
CA SER C 58 -0.15 -11.03 -15.36
C SER C 58 0.94 -11.10 -16.43
N GLY C 59 1.74 -10.06 -16.58
CA GLY C 59 2.71 -10.08 -17.66
C GLY C 59 4.12 -10.47 -17.28
N VAL C 60 4.27 -11.31 -16.26
CA VAL C 60 5.57 -11.68 -15.71
C VAL C 60 5.77 -13.18 -15.89
N PRO C 61 6.81 -13.62 -16.60
CA PRO C 61 6.98 -15.05 -16.88
C PRO C 61 7.37 -15.85 -15.65
N ASP C 62 7.08 -17.15 -15.70
CA ASP C 62 7.21 -17.98 -14.50
C ASP C 62 8.65 -18.17 -14.04
N ARG C 63 9.64 -17.80 -14.86
CA ARG C 63 11.02 -17.94 -14.42
C ARG C 63 11.38 -17.01 -13.26
N PHE C 64 10.55 -16.00 -12.98
CA PHE C 64 10.73 -15.17 -11.80
C PHE C 64 9.95 -15.78 -10.64
N SER C 65 10.62 -15.97 -9.51
CA SER C 65 9.93 -16.38 -8.29
C SER C 65 10.64 -15.70 -7.13
N ALA C 66 9.95 -15.64 -6.00
CA ALA C 66 10.47 -14.92 -4.84
C ALA C 66 9.94 -15.55 -3.57
N SER C 67 10.57 -15.20 -2.44
CA SER C 67 10.09 -15.66 -1.14
C SER C 67 10.59 -14.72 -0.05
N LYS C 68 10.00 -14.88 1.13
CA LYS C 68 10.30 -14.08 2.30
C LYS C 68 10.49 -15.00 3.50
N SER C 69 11.47 -14.68 4.35
CA SER C 69 11.78 -15.51 5.51
C SER C 69 12.31 -14.64 6.63
N GLY C 70 11.54 -14.49 7.69
CA GLY C 70 12.02 -13.80 8.88
C GLY C 70 12.23 -12.32 8.65
N THR C 71 13.49 -11.91 8.49
CA THR C 71 13.84 -10.51 8.24
C THR C 71 14.54 -10.33 6.89
N SER C 72 14.31 -11.22 5.94
CA SER C 72 14.96 -11.12 4.64
C SER C 72 14.02 -11.70 3.59
N ALA C 73 14.36 -11.46 2.34
CA ALA C 73 13.60 -11.98 1.21
C ALA C 73 14.58 -12.29 0.09
N SER C 74 14.11 -13.05 -0.89
CA SER C 74 15.00 -13.33 -2.02
C SER C 74 14.18 -13.46 -3.29
N LEU C 75 14.76 -13.00 -4.39
CA LEU C 75 14.17 -13.12 -5.71
C LEU C 75 15.03 -14.09 -6.50
N ALA C 76 14.38 -15.01 -7.22
CA ALA C 76 15.07 -15.99 -8.05
C ALA C 76 14.66 -15.77 -9.50
N ILE C 77 15.64 -15.82 -10.39
CA ILE C 77 15.42 -15.88 -11.83
C ILE C 77 15.96 -17.23 -12.29
N THR C 78 15.08 -18.13 -12.69
CA THR C 78 15.45 -19.49 -13.06
C THR C 78 15.57 -19.58 -14.57
N GLY C 79 16.81 -19.45 -15.06
CA GLY C 79 17.07 -19.48 -16.49
C GLY C 79 17.15 -18.09 -17.07
N LEU C 80 18.22 -17.38 -16.73
CA LEU C 80 18.44 -16.01 -17.20
C LEU C 80 18.31 -15.94 -18.71
N GLN C 81 17.62 -14.91 -19.17
CA GLN C 81 17.61 -14.55 -20.58
C GLN C 81 18.11 -13.12 -20.72
N ALA C 82 18.58 -12.79 -21.93
CA ALA C 82 19.22 -11.51 -22.17
C ALA C 82 18.33 -10.35 -21.75
N GLU C 83 17.01 -10.47 -21.96
CA GLU C 83 16.11 -9.40 -21.58
C GLU C 83 16.03 -9.21 -20.07
N ASP C 84 16.54 -10.14 -19.28
CA ASP C 84 16.47 -10.01 -17.83
C ASP C 84 17.55 -9.11 -17.26
N GLU C 85 18.48 -8.66 -18.09
CA GLU C 85 19.51 -7.72 -17.64
C GLU C 85 18.84 -6.39 -17.31
N ALA C 86 18.90 -5.99 -16.04
CA ALA C 86 18.17 -4.82 -15.55
C ALA C 86 18.57 -4.56 -14.10
N ASP C 87 17.98 -3.53 -13.52
CA ASP C 87 18.08 -3.27 -12.09
C ASP C 87 16.83 -3.80 -11.39
N TYR C 88 17.03 -4.40 -10.22
CA TYR C 88 15.95 -5.02 -9.46
C TYR C 88 15.95 -4.46 -8.05
N TYR C 89 14.76 -4.06 -7.59
CA TYR C 89 14.58 -3.46 -6.27
C TYR C 89 13.57 -4.26 -5.48
N CYS C 90 13.91 -4.53 -4.22
CA CYS C 90 12.90 -5.13 -3.32
C CYS C 90 12.21 -3.96 -2.60
N GLN C 91 11.04 -4.20 -2.01
CA GLN C 91 10.27 -3.09 -1.39
C GLN C 91 9.41 -3.63 -0.24
N SER C 92 9.39 -2.93 0.88
CA SER C 92 8.52 -3.30 2.02
C SER C 92 8.00 -2.03 2.69
N TYR C 93 7.58 -2.14 3.94
CA TYR C 93 7.11 -0.97 4.70
C TYR C 93 7.81 -1.01 6.05
N ASP C 94 8.23 0.14 6.54
CA ASP C 94 8.95 0.20 7.83
C ASP C 94 8.07 0.87 8.88
N ARG C 95 8.12 0.37 10.12
CA ARG C 95 7.29 0.92 11.21
C ARG C 95 7.59 2.43 11.40
N SER C 96 8.82 2.87 11.16
CA SER C 96 9.13 4.29 11.37
C SER C 96 9.48 5.05 10.10
N LEU C 97 9.94 4.36 9.06
CA LEU C 97 10.39 5.04 7.82
C LEU C 97 9.32 4.89 6.73
N SER C 98 8.25 4.16 7.02
CA SER C 98 7.16 3.91 6.04
C SER C 98 7.68 3.17 4.81
N GLY C 99 7.28 3.59 3.62
CA GLY C 99 7.73 2.94 2.37
C GLY C 99 9.25 2.91 2.26
N VAL C 100 9.82 1.71 2.14
CA VAL C 100 11.29 1.56 2.06
C VAL C 100 11.64 0.72 0.82
N PHE C 101 12.65 1.15 0.07
CA PHE C 101 13.11 0.38 -1.11
C PHE C 101 14.50 -0.17 -0.81
N GLY C 102 14.77 -1.40 -1.23
CA GLY C 102 16.11 -1.94 -1.12
C GLY C 102 17.09 -1.16 -1.97
N THR C 103 18.38 -1.31 -1.64
CA THR C 103 19.39 -0.54 -2.34
C THR C 103 19.53 -0.91 -3.81
N GLY C 104 19.05 -2.08 -4.21
CA GLY C 104 19.02 -2.34 -5.63
C GLY C 104 20.19 -3.20 -6.11
N THR C 105 19.90 -4.03 -7.12
CA THR C 105 20.84 -5.00 -7.66
C THR C 105 20.83 -4.91 -9.18
N LYS C 106 22.00 -4.74 -9.76
CA LYS C 106 22.15 -4.85 -11.21
C LYS C 106 22.45 -6.31 -11.56
N VAL C 107 21.64 -6.87 -12.45
CA VAL C 107 21.83 -8.24 -12.93
C VAL C 107 22.44 -8.16 -14.32
N THR C 108 23.59 -8.81 -14.50
CA THR C 108 24.25 -8.92 -15.78
C THR C 108 24.08 -10.33 -16.32
N VAL C 109 23.71 -10.45 -17.60
CA VAL C 109 23.57 -11.75 -18.25
C VAL C 109 24.80 -11.93 -19.13
N LEU C 110 25.70 -12.83 -18.72
CA LEU C 110 27.00 -12.99 -19.37
C LEU C 110 26.81 -13.74 -20.68
N GLY C 111 26.57 -12.97 -21.74
CA GLY C 111 26.27 -13.56 -23.04
C GLY C 111 27.41 -13.39 -24.02
N GLN C 112 28.60 -13.17 -23.50
CA GLN C 112 29.77 -12.84 -24.30
C GLN C 112 31.01 -13.31 -23.55
N PRO C 113 32.09 -13.62 -24.27
CA PRO C 113 33.35 -13.98 -23.59
C PRO C 113 33.98 -12.75 -22.94
N LYS C 114 34.84 -13.01 -21.95
CA LYS C 114 35.58 -11.94 -21.32
C LYS C 114 36.54 -11.30 -22.32
N ALA C 115 36.60 -9.97 -22.30
CA ALA C 115 37.49 -9.21 -23.17
C ALA C 115 38.28 -8.19 -22.36
N ALA C 116 39.60 -8.20 -22.55
CA ALA C 116 40.46 -7.26 -21.85
C ALA C 116 40.28 -5.85 -22.41
N PRO C 117 40.37 -4.83 -21.54
CA PRO C 117 40.16 -3.47 -21.99
C PRO C 117 41.37 -2.88 -22.70
N SER C 118 41.09 -2.06 -23.72
CA SER C 118 42.10 -1.28 -24.42
C SER C 118 42.09 0.14 -23.85
N VAL C 119 43.27 0.63 -23.47
CA VAL C 119 43.41 1.90 -22.78
C VAL C 119 44.22 2.84 -23.66
N THR C 120 43.70 4.05 -23.86
CA THR C 120 44.40 5.09 -24.61
C THR C 120 44.34 6.36 -23.77
N LEU C 121 45.46 6.75 -23.19
CA LEU C 121 45.53 7.92 -22.34
C LEU C 121 45.90 9.14 -23.19
N PHE C 122 45.03 10.15 -23.21
CA PHE C 122 45.29 11.39 -23.99
C PHE C 122 45.88 12.45 -23.07
N PRO C 123 46.97 13.14 -23.46
CA PRO C 123 47.56 14.20 -22.65
C PRO C 123 46.80 15.51 -22.81
N PRO C 124 46.95 16.44 -21.88
CA PRO C 124 46.31 17.75 -22.02
C PRO C 124 46.73 18.43 -23.32
N SER C 125 45.72 18.89 -24.09
CA SER C 125 46.00 19.62 -25.34
C SER C 125 46.61 20.98 -25.02
N SER C 126 47.48 21.47 -25.90
CA SER C 126 48.10 22.81 -25.69
C SER C 126 46.98 23.86 -25.64
N GLU C 127 45.94 23.68 -26.45
CA GLU C 127 44.80 24.62 -26.46
C GLU C 127 44.24 24.76 -25.05
N GLU C 128 44.11 23.64 -24.33
CA GLU C 128 43.50 23.69 -22.97
C GLU C 128 44.45 24.38 -22.00
N LEU C 129 45.75 24.09 -22.10
CA LEU C 129 46.75 24.76 -21.22
C LEU C 129 46.68 26.26 -21.47
N GLN C 130 46.38 26.65 -22.71
CA GLN C 130 46.25 28.09 -23.04
C GLN C 130 45.06 28.65 -22.26
N ALA C 131 44.07 27.80 -21.96
CA ALA C 131 42.87 28.25 -21.22
C ALA C 131 43.11 28.10 -19.72
N ASN C 132 44.38 27.97 -19.33
CA ASN C 132 44.73 27.82 -17.89
C ASN C 132 43.98 26.61 -17.32
N LYS C 133 43.84 25.55 -18.11
CA LYS C 133 43.19 24.31 -17.61
C LYS C 133 43.97 23.09 -18.12
N ALA C 134 43.98 22.01 -17.35
CA ALA C 134 44.71 20.77 -17.74
C ALA C 134 43.92 19.55 -17.30
N THR C 135 43.48 18.72 -18.25
CA THR C 135 42.73 17.52 -17.92
C THR C 135 43.34 16.36 -18.69
N LEU C 136 43.64 15.29 -17.97
CA LEU C 136 44.11 14.05 -18.58
C LEU C 136 42.93 13.10 -18.74
N VAL C 137 42.74 12.60 -19.97
CA VAL C 137 41.57 11.74 -20.27
C VAL C 137 42.01 10.29 -20.46
N CYS C 138 41.81 9.43 -19.45
CA CYS C 138 42.10 7.98 -19.59
C CYS C 138 40.86 7.31 -20.17
N LEU C 139 40.94 6.79 -21.39
CA LEU C 139 39.75 6.20 -22.05
C LEU C 139 39.88 4.67 -22.08
N ILE C 140 38.91 3.96 -21.50
CA ILE C 140 38.94 2.47 -21.46
C ILE C 140 37.93 1.98 -22.48
N SER C 141 38.26 0.93 -23.24
CA SER C 141 37.33 0.53 -24.32
C SER C 141 37.34 -0.96 -24.61
N ASP C 142 36.25 -1.46 -25.20
CA ASP C 142 36.18 -2.85 -25.65
C ASP C 142 36.59 -3.83 -24.54
N PHE C 143 35.78 -3.85 -23.49
CA PHE C 143 35.98 -4.82 -22.44
C PHE C 143 34.63 -5.43 -22.06
N TYR C 144 34.70 -6.64 -21.49
CA TYR C 144 33.53 -7.39 -21.04
C TYR C 144 33.96 -8.25 -19.86
N PRO C 145 33.19 -8.26 -18.76
CA PRO C 145 31.95 -7.50 -18.53
C PRO C 145 32.17 -6.07 -18.05
N GLY C 146 31.10 -5.28 -18.00
CA GLY C 146 31.19 -3.86 -17.70
C GLY C 146 31.40 -3.51 -16.23
N ALA C 147 32.62 -3.72 -15.77
CA ALA C 147 32.96 -3.34 -14.37
C ALA C 147 34.48 -3.16 -14.29
N VAL C 148 34.92 -1.96 -13.92
CA VAL C 148 36.39 -1.70 -13.90
C VAL C 148 36.73 -0.69 -12.81
N THR C 149 37.90 -0.83 -12.19
CA THR C 149 38.35 0.17 -11.21
C THR C 149 39.55 0.92 -11.83
N VAL C 150 39.44 2.24 -11.96
CA VAL C 150 40.53 3.06 -12.56
C VAL C 150 41.17 3.89 -11.46
N ALA C 151 42.50 3.98 -11.45
CA ALA C 151 43.22 4.75 -10.41
C ALA C 151 44.30 5.62 -11.05
N TRP C 152 44.77 6.64 -10.32
CA TRP C 152 45.78 7.55 -10.83
C TRP C 152 46.98 7.63 -9.89
N LYS C 160 44.67 10.74 -7.30
CA LYS C 160 44.05 10.75 -5.99
C LYS C 160 42.86 11.71 -5.93
N ALA C 161 43.16 13.01 -5.89
CA ALA C 161 42.16 14.06 -5.87
C ALA C 161 42.04 14.67 -7.27
N GLY C 162 40.85 15.20 -7.56
CA GLY C 162 40.57 15.70 -8.90
C GLY C 162 40.26 14.61 -9.90
N VAL C 163 39.86 13.44 -9.40
CA VAL C 163 39.58 12.28 -10.30
C VAL C 163 38.06 12.18 -10.53
N GLU C 164 37.65 12.02 -11.79
CA GLU C 164 36.22 11.87 -12.12
C GLU C 164 36.08 10.72 -13.12
N THR C 165 35.44 9.62 -12.71
CA THR C 165 35.34 8.43 -13.60
C THR C 165 33.88 8.11 -13.91
N THR C 166 33.57 7.85 -15.18
CA THR C 166 32.21 7.48 -15.59
C THR C 166 31.98 5.99 -15.35
N THR C 167 30.80 5.61 -14.87
CA THR C 167 30.47 4.20 -14.71
C THR C 167 30.41 3.53 -16.08
N PRO C 168 30.93 2.29 -16.20
CA PRO C 168 30.98 1.61 -17.50
C PRO C 168 29.68 1.65 -18.28
N SER C 169 29.74 2.24 -19.47
CA SER C 169 28.63 2.27 -20.40
C SER C 169 28.80 1.15 -21.43
N LYS C 170 27.81 1.00 -22.30
CA LYS C 170 27.81 -0.04 -23.32
C LYS C 170 27.85 0.61 -24.69
N GLN C 171 28.84 0.24 -25.49
CA GLN C 171 29.03 0.80 -26.82
C GLN C 171 28.49 -0.17 -27.87
N SER C 172 28.85 0.05 -29.13
CA SER C 172 28.56 -0.92 -30.16
C SER C 172 29.38 -2.19 -29.92
N ASN C 173 29.12 -3.21 -30.75
CA ASN C 173 29.65 -4.56 -30.58
C ASN C 173 29.29 -5.17 -29.23
N ASN C 174 28.32 -4.58 -28.53
CA ASN C 174 27.84 -5.05 -27.23
C ASN C 174 28.95 -5.13 -26.18
N LYS C 175 30.09 -4.51 -26.43
CA LYS C 175 31.14 -4.43 -25.43
C LYS C 175 30.98 -3.15 -24.60
N TYR C 176 31.76 -3.06 -23.52
CA TYR C 176 31.64 -1.96 -22.58
C TYR C 176 32.82 -0.99 -22.72
N ALA C 177 32.62 0.22 -22.21
CA ALA C 177 33.59 1.30 -22.33
C ALA C 177 33.41 2.27 -21.16
N ALA C 178 34.53 2.77 -20.65
CA ALA C 178 34.53 3.70 -19.52
C ALA C 178 35.54 4.82 -19.79
N SER C 179 35.46 5.87 -18.97
CA SER C 179 36.37 7.00 -19.11
C SER C 179 36.61 7.63 -17.75
N SER C 180 37.80 8.21 -17.58
CA SER C 180 38.17 8.86 -16.34
C SER C 180 38.96 10.13 -16.65
N TYR C 181 38.79 11.13 -15.79
CA TYR C 181 39.42 12.45 -16.03
C TYR C 181 40.12 12.98 -14.78
N LEU C 182 41.43 13.25 -14.88
CA LEU C 182 42.19 13.87 -13.81
C LEU C 182 42.39 15.34 -14.16
N SER C 183 41.84 16.23 -13.34
CA SER C 183 41.95 17.66 -13.56
C SER C 183 43.08 18.23 -12.69
N LEU C 184 44.06 18.85 -13.34
CA LEU C 184 45.19 19.47 -12.66
C LEU C 184 45.38 20.88 -13.20
N THR C 185 45.97 21.74 -12.35
CA THR C 185 46.32 23.10 -12.84
C THR C 185 47.53 22.97 -13.75
N PRO C 186 47.66 23.76 -14.83
CA PRO C 186 48.76 23.59 -15.79
C PRO C 186 50.13 23.39 -15.12
N GLU C 187 50.40 24.10 -14.02
CA GLU C 187 51.68 23.96 -13.31
C GLU C 187 51.89 22.52 -12.87
N GLN C 188 50.83 21.85 -12.42
CA GLN C 188 51.00 20.50 -11.89
C GLN C 188 51.39 19.50 -12.96
N TRP C 189 50.96 19.70 -14.20
CA TRP C 189 51.40 18.80 -15.27
C TRP C 189 52.89 18.97 -15.53
N LYS C 190 53.40 20.20 -15.49
CA LYS C 190 54.83 20.44 -15.64
C LYS C 190 55.63 20.01 -14.42
N SER C 191 54.97 19.85 -13.27
CA SER C 191 55.68 19.54 -12.04
C SER C 191 56.20 18.10 -12.03
N HIS C 192 55.37 17.15 -12.42
CA HIS C 192 55.72 15.75 -12.35
C HIS C 192 56.29 15.27 -13.68
N LYS C 193 57.10 14.21 -13.60
CA LYS C 193 57.71 13.65 -14.80
C LYS C 193 56.69 12.84 -15.61
N SER C 194 55.77 12.18 -14.93
CA SER C 194 54.79 11.36 -15.63
C SER C 194 53.57 11.15 -14.74
N TYR C 195 52.42 11.03 -15.39
CA TYR C 195 51.15 10.69 -14.75
C TYR C 195 50.63 9.39 -15.35
N SER C 196 49.95 8.57 -14.55
CA SER C 196 49.52 7.26 -15.07
C SER C 196 48.12 6.85 -14.60
N CYS C 197 47.32 6.27 -15.50
CA CYS C 197 45.97 5.75 -15.11
C CYS C 197 46.00 4.22 -15.18
N GLN C 198 45.73 3.54 -14.06
CA GLN C 198 45.76 2.05 -14.03
C GLN C 198 44.33 1.50 -14.12
N VAL C 199 44.06 0.66 -15.12
CA VAL C 199 42.69 0.11 -15.33
C VAL C 199 42.68 -1.37 -14.90
N THR C 200 41.79 -1.74 -13.97
CA THR C 200 41.71 -3.13 -13.48
C THR C 200 40.42 -3.81 -13.96
N HIS C 201 40.54 -4.83 -14.81
CA HIS C 201 39.36 -5.58 -15.30
C HIS C 201 39.54 -7.06 -14.97
N GLU C 202 38.66 -7.63 -14.14
CA GLU C 202 38.76 -9.06 -13.75
C GLU C 202 40.12 -9.33 -13.10
N GLY C 203 40.54 -8.49 -12.15
CA GLY C 203 41.80 -8.74 -11.42
C GLY C 203 43.04 -8.42 -12.24
N SER C 204 42.86 -8.01 -13.50
CA SER C 204 44.00 -7.70 -14.39
C SER C 204 44.19 -6.18 -14.48
N THR C 205 45.42 -5.69 -14.31
CA THR C 205 45.69 -4.22 -14.32
C THR C 205 46.40 -3.81 -15.61
N VAL C 206 45.94 -2.73 -16.24
CA VAL C 206 46.60 -2.20 -17.46
C VAL C 206 47.04 -0.76 -17.17
N GLU C 207 48.32 -0.43 -17.37
CA GLU C 207 48.79 0.93 -16.97
C GLU C 207 49.33 1.72 -18.15
N LYS C 208 48.74 2.88 -18.44
CA LYS C 208 49.23 3.79 -19.46
C LYS C 208 49.73 5.06 -18.78
N THR C 209 50.87 5.55 -19.23
CA THR C 209 51.49 6.73 -18.63
C THR C 209 51.75 7.79 -19.68
N VAL C 210 51.71 9.04 -19.25
CA VAL C 210 51.87 10.21 -20.11
C VAL C 210 52.83 11.18 -19.44
N ALA C 211 53.72 11.77 -20.24
CA ALA C 211 54.74 12.69 -19.75
C ALA C 211 54.72 13.99 -20.53
N PRO C 212 54.89 15.13 -19.85
CA PRO C 212 54.95 16.44 -20.50
C PRO C 212 56.27 16.66 -21.24
C1 NAG D . -1.66 -32.95 44.99
C2 NAG D . -0.43 -32.32 45.64
C3 NAG D . 0.23 -33.28 46.60
C4 NAG D . -0.80 -33.84 47.57
C5 NAG D . -1.92 -34.48 46.79
C6 NAG D . -2.96 -35.11 47.71
C7 NAG D . 0.64 -30.70 44.19
C8 NAG D . 0.52 -30.52 42.71
N2 NAG D . 0.54 -31.94 44.63
O3 NAG D . 1.25 -32.59 47.32
O4 NAG D . -0.19 -34.83 48.40
O5 NAG D . -2.53 -33.46 45.99
O6 NAG D . -3.58 -34.08 48.49
O7 NAG D . 0.84 -29.76 44.94
C1 NAG E . 0.06 -14.14 47.00
C2 NAG E . -0.40 -13.18 48.09
C3 NAG E . 0.50 -11.95 48.09
C4 NAG E . 1.92 -12.43 48.33
C5 NAG E . 2.31 -13.43 47.25
C6 NAG E . 3.72 -13.96 47.45
C7 NAG E . -2.67 -13.16 48.82
C8 NAG E . -4.10 -13.18 48.41
N2 NAG E . -1.78 -12.81 47.90
O3 NAG E . 0.10 -11.05 49.12
O4 NAG E . 2.80 -11.31 48.30
O5 NAG E . 1.42 -14.52 47.27
O6 NAG E . 4.66 -12.89 47.52
O7 NAG E . -2.32 -13.45 49.95
C1 NAG F . -33.28 10.44 -18.74
C2 NAG F . -33.32 11.84 -19.35
C3 NAG F . -34.28 11.89 -20.51
C4 NAG F . -33.85 10.84 -21.52
C5 NAG F . -33.80 9.47 -20.85
C6 NAG F . -33.32 8.41 -21.81
C7 NAG F . -34.75 12.62 -17.55
C8 NAG F . -34.67 13.31 -16.22
N2 NAG F . -33.70 12.81 -18.34
O3 NAG F . -34.25 13.17 -21.13
O4 NAG F . -34.78 10.82 -22.61
O5 NAG F . -32.91 9.50 -19.75
O6 NAG F . -31.92 8.63 -22.01
O7 NAG F . -35.73 11.97 -17.88
#